data_3WX7
#
_entry.id   3WX7
#
_cell.length_a   61.819
_cell.length_b   104.106
_cell.length_c   140.378
_cell.angle_alpha   90.000
_cell.angle_beta   90.000
_cell.angle_gamma   90.000
#
_symmetry.space_group_name_H-M   'P 21 21 21'
#
loop_
_entity.id
_entity.type
_entity.pdbx_description
1 polymer 'Chitin oligosaccharide deacetylase'
2 non-polymer 'CALCIUM ION'
3 non-polymer 'ZINC ION'
4 non-polymer 'ACETATE ION'
5 non-polymer GLYCEROL
6 water water
#
_entity_poly.entity_id   1
_entity_poly.type   'polypeptide(L)'
_entity_poly.pdbx_seq_one_letter_code
;TKGTIYLTFDDGPINASIDVINVLNQEEVKATFYFNAWHLDGIGDENEDRALEALKLALDSGHIVANHSYDHMVHNCVEE
FGPNSAAECNATGDHQINSYQDPAYDASMFAENLSVLEKYLPNITSYPNYKANEFARLPYTNGWRVTKDFKADGLCATSD
DLKPWEPGYACDTANPSNSVKAAIAVQNILANNGYQTHGWDVDWAPENWGIAMPANSLTEAEPFLGYVDSALNTCAPTTI
NPINSKAQEFPCGTPLHADKVIVLTHEFLFEDGKRGMGATQNLPKLTKFIQLAKQAGYVFDTMDNYTPNWQVGNNYSAGD
YVLHLGTVYQAVTSHTAQQDWAPSPTSSLWTNADPATNWTQNVSYKQGDVVTYQGLRYLVNVPHVSQADWSPSSQNTLFT
AL
;
_entity_poly.pdbx_strand_id   A,B
#
# COMPACT_ATOMS: atom_id res chain seq x y z
N THR A 1 27.03 18.60 -17.28
CA THR A 1 26.89 19.02 -15.90
C THR A 1 27.88 18.28 -14.99
N LYS A 2 28.18 18.89 -13.85
CA LYS A 2 29.16 18.35 -12.91
C LYS A 2 28.61 17.13 -12.19
N GLY A 3 27.33 17.17 -11.88
CA GLY A 3 26.70 16.11 -11.12
C GLY A 3 25.31 16.57 -10.74
N THR A 4 24.61 15.70 -10.01
CA THR A 4 23.26 15.97 -9.57
C THR A 4 23.20 15.93 -8.06
N ILE A 5 22.62 16.98 -7.49
CA ILE A 5 22.41 17.06 -6.06
C ILE A 5 20.93 16.81 -5.74
N TYR A 6 20.69 15.95 -4.75
CA TYR A 6 19.34 15.69 -4.27
C TYR A 6 19.22 16.26 -2.87
N LEU A 7 18.60 17.43 -2.78
CA LEU A 7 18.36 18.05 -1.48
C LEU A 7 17.22 17.33 -0.81
N THR A 8 17.47 16.77 0.37
CA THR A 8 16.44 16.04 1.08
C THR A 8 16.33 16.58 2.49
N PHE A 9 15.10 16.85 2.91
CA PHE A 9 14.81 17.46 4.21
C PHE A 9 14.04 16.44 5.04
N ASP A 10 14.52 16.14 6.24
CA ASP A 10 13.88 15.19 7.13
C ASP A 10 13.17 15.88 8.30
N ASP A 11 12.07 15.26 8.72
CA ASP A 11 11.37 15.46 10.01
C ASP A 11 10.28 16.51 9.99
N GLY A 12 9.99 17.10 8.84
CA GLY A 12 8.80 17.93 8.73
C GLY A 12 7.53 17.09 8.72
N PRO A 13 6.37 17.70 8.47
CA PRO A 13 6.16 19.13 8.19
C PRO A 13 6.03 19.94 9.46
N ILE A 14 6.78 21.04 9.52
CA ILE A 14 6.70 21.96 10.65
C ILE A 14 6.61 23.38 10.12
N ASN A 15 6.40 24.36 11.00
CA ASN A 15 6.28 25.74 10.55
C ASN A 15 7.48 26.17 9.72
N ALA A 16 8.67 25.76 10.17
CA ALA A 16 9.92 26.10 9.50
C ALA A 16 10.02 25.57 8.07
N SER A 17 9.26 24.52 7.75
CA SER A 17 9.23 23.99 6.40
C SER A 17 8.82 25.05 5.36
N ILE A 18 7.94 25.96 5.76
CA ILE A 18 7.38 26.94 4.84
C ILE A 18 8.44 27.90 4.28
N ASP A 19 9.27 28.45 5.16
CA ASP A 19 10.31 29.37 4.71
C ASP A 19 11.38 28.64 3.91
N VAL A 20 11.63 27.38 4.27
CA VAL A 20 12.54 26.55 3.47
C VAL A 20 11.98 26.36 2.06
N ILE A 21 10.71 25.99 1.98
CA ILE A 21 10.07 25.79 0.68
C ILE A 21 10.04 27.08 -0.14
N ASN A 22 9.80 28.21 0.53
CA ASN A 22 9.80 29.49 -0.17
C ASN A 22 11.17 29.81 -0.79
N VAL A 23 12.25 29.49 -0.09
CA VAL A 23 13.59 29.66 -0.64
C VAL A 23 13.80 28.73 -1.84
N LEU A 24 13.38 27.47 -1.70
CA LEU A 24 13.52 26.53 -2.80
C LEU A 24 12.78 27.05 -4.05
N ASN A 25 11.56 27.54 -3.84
CA ASN A 25 10.77 28.06 -4.95
C ASN A 25 11.40 29.31 -5.54
N GLN A 26 11.96 30.16 -4.68
CA GLN A 26 12.66 31.37 -5.13
C GLN A 26 13.79 30.99 -6.08
N GLU A 27 14.50 29.92 -5.74
CA GLU A 27 15.67 29.50 -6.50
C GLU A 27 15.33 28.48 -7.58
N GLU A 28 14.04 28.22 -7.75
CA GLU A 28 13.54 27.31 -8.79
C GLU A 28 14.17 25.92 -8.76
N VAL A 29 14.25 25.34 -7.57
CA VAL A 29 14.67 23.95 -7.44
C VAL A 29 13.60 23.18 -6.71
N LYS A 30 13.57 21.88 -6.94
CA LYS A 30 12.68 20.99 -6.21
C LYS A 30 13.48 20.14 -5.25
N ALA A 31 12.88 19.82 -4.10
CA ALA A 31 13.53 18.97 -3.09
C ALA A 31 12.59 17.83 -2.69
N THR A 32 13.12 16.94 -1.86
CA THR A 32 12.40 15.78 -1.34
C THR A 32 12.28 15.91 0.16
N PHE A 33 11.05 15.79 0.66
CA PHE A 33 10.76 15.91 2.07
C PHE A 33 10.36 14.58 2.66
N TYR A 34 11.15 14.09 3.62
CA TYR A 34 10.85 12.85 4.30
C TYR A 34 10.11 13.22 5.58
N PHE A 35 8.79 13.10 5.53
CA PHE A 35 7.92 13.63 6.56
C PHE A 35 7.52 12.62 7.65
N ASN A 36 7.29 13.16 8.85
CA ASN A 36 6.70 12.45 9.97
C ASN A 36 5.36 13.10 10.29
N ALA A 37 4.26 12.40 10.03
CA ALA A 37 2.93 13.02 10.11
C ALA A 37 2.49 13.37 11.53
N TRP A 38 3.23 12.93 12.55
CA TRP A 38 2.80 13.24 13.93
C TRP A 38 2.82 14.74 14.20
N HIS A 39 3.57 15.50 13.41
CA HIS A 39 3.51 16.97 13.51
C HIS A 39 2.12 17.51 13.14
N LEU A 40 1.42 16.82 12.25
CA LEU A 40 0.06 17.24 11.89
C LEU A 40 -0.88 17.08 13.08
N ASP A 41 -0.58 16.11 13.95
CA ASP A 41 -1.33 15.86 15.18
C ASP A 41 -0.92 16.81 16.32
N GLY A 42 0.11 17.61 16.10
CA GLY A 42 0.54 18.57 17.10
C GLY A 42 1.31 17.98 18.26
N ILE A 43 1.84 16.77 18.09
CA ILE A 43 2.52 16.08 19.20
C ILE A 43 4.01 15.84 18.96
N GLY A 44 4.60 16.56 18.02
CA GLY A 44 5.99 16.32 17.65
C GLY A 44 7.01 17.25 18.29
N ASP A 45 6.56 18.07 19.24
CA ASP A 45 7.42 18.97 20.01
C ASP A 45 8.24 19.93 19.15
N GLU A 46 7.61 20.48 18.11
CA GLU A 46 8.19 21.57 17.34
C GLU A 46 7.12 22.65 17.19
N ASN A 47 7.50 23.79 16.65
CA ASN A 47 6.48 24.75 16.23
C ASN A 47 5.80 24.19 14.99
N GLU A 48 4.56 23.74 15.14
CA GLU A 48 3.91 22.97 14.09
C GLU A 48 2.42 23.27 13.91
N ASP A 49 1.98 24.43 14.38
CA ASP A 49 0.58 24.84 14.19
C ASP A 49 0.26 25.05 12.71
N ARG A 50 1.29 25.27 11.90
CA ARG A 50 1.11 25.47 10.46
C ARG A 50 1.59 24.25 9.66
N ALA A 51 1.65 23.10 10.30
CA ALA A 51 2.15 21.89 9.65
C ALA A 51 1.34 21.51 8.41
N LEU A 52 0.01 21.63 8.48
CA LEU A 52 -0.84 21.26 7.35
C LEU A 52 -0.61 22.25 6.21
N GLU A 53 -0.54 23.54 6.54
CA GLU A 53 -0.18 24.56 5.56
C GLU A 53 1.15 24.21 4.86
N ALA A 54 2.11 23.73 5.65
CA ALA A 54 3.43 23.37 5.12
C ALA A 54 3.35 22.17 4.17
N LEU A 55 2.61 21.15 4.58
CA LEU A 55 2.40 19.98 3.75
C LEU A 55 1.77 20.37 2.41
N LYS A 56 0.73 21.20 2.47
CA LYS A 56 0.07 21.65 1.26
C LYS A 56 1.01 22.47 0.39
N LEU A 57 1.81 23.32 1.00
CA LEU A 57 2.73 24.16 0.24
C LEU A 57 3.77 23.30 -0.47
N ALA A 58 4.28 22.28 0.23
CA ALA A 58 5.23 21.36 -0.38
C ALA A 58 4.64 20.71 -1.63
N LEU A 59 3.42 20.21 -1.50
CA LEU A 59 2.78 19.50 -2.60
C LEU A 59 2.37 20.45 -3.75
N ASP A 60 1.83 21.62 -3.41
CA ASP A 60 1.41 22.58 -4.42
C ASP A 60 2.59 23.18 -5.17
N SER A 61 3.77 23.13 -4.54
CA SER A 61 4.99 23.68 -5.12
C SER A 61 5.78 22.67 -5.92
N GLY A 62 5.32 21.41 -5.94
CA GLY A 62 5.97 20.39 -6.75
C GLY A 62 7.10 19.60 -6.07
N HIS A 63 7.27 19.80 -4.78
CA HIS A 63 8.29 19.04 -4.06
C HIS A 63 7.79 17.63 -3.79
N ILE A 64 8.72 16.70 -3.65
CA ILE A 64 8.35 15.31 -3.41
C ILE A 64 8.12 15.06 -1.95
N VAL A 65 7.00 14.42 -1.62
CA VAL A 65 6.73 14.01 -0.26
C VAL A 65 6.95 12.52 -0.13
N ALA A 66 7.83 12.14 0.81
CA ALA A 66 8.22 10.76 1.00
C ALA A 66 8.07 10.33 2.48
N ASN A 67 8.31 9.07 2.77
CA ASN A 67 7.89 8.47 4.05
C ASN A 67 9.03 8.34 5.06
N HIS A 68 8.92 9.05 6.18
CA HIS A 68 9.95 8.95 7.23
C HIS A 68 9.39 8.29 8.50
N SER A 69 8.16 7.74 8.40
CA SER A 69 7.37 7.08 9.47
C SER A 69 6.55 8.09 10.27
N TYR A 70 5.45 7.61 10.86
CA TYR A 70 4.54 8.50 11.58
C TYR A 70 5.22 9.29 12.71
N ASP A 71 5.97 8.60 13.54
CA ASP A 71 6.44 9.18 14.80
C ASP A 71 7.95 9.20 14.98
N HIS A 72 8.69 8.98 13.90
CA HIS A 72 10.16 8.99 13.97
C HIS A 72 10.68 7.91 14.93
N MET A 73 9.92 6.84 15.10
CA MET A 73 10.20 5.73 16.00
C MET A 73 10.26 6.14 17.48
N VAL A 74 9.69 7.28 17.83
CA VAL A 74 9.84 7.78 19.20
C VAL A 74 9.01 6.93 20.18
N HIS A 75 8.07 6.13 19.69
CA HIS A 75 7.41 5.16 20.57
C HIS A 75 8.43 4.20 21.21
N ASN A 76 9.59 4.05 20.58
CA ASN A 76 10.65 3.21 21.13
C ASN A 76 11.58 3.94 22.09
N CYS A 77 11.30 5.22 22.32
CA CYS A 77 12.14 6.05 23.17
C CYS A 77 11.53 6.20 24.57
N VAL A 78 10.28 5.78 24.70
CA VAL A 78 9.54 5.97 25.95
C VAL A 78 8.80 4.71 26.35
N GLU A 79 8.35 4.66 27.60
CA GLU A 79 7.61 3.50 28.10
C GLU A 79 6.25 3.36 27.43
N GLU A 80 5.51 4.46 27.35
CA GLU A 80 4.18 4.43 26.75
C GLU A 80 3.97 5.65 25.86
N PHE A 81 3.73 5.42 24.57
CA PHE A 81 3.63 6.52 23.62
C PHE A 81 2.38 7.37 23.85
N GLY A 82 2.54 8.68 23.74
CA GLY A 82 1.42 9.61 23.86
C GLY A 82 1.79 10.98 23.37
N PRO A 83 0.94 11.97 23.65
CA PRO A 83 1.17 13.34 23.16
C PRO A 83 2.44 13.98 23.72
N ASN A 84 3.01 13.41 24.78
CA ASN A 84 4.18 14.01 25.42
C ASN A 84 5.50 13.31 25.12
N SER A 85 5.45 12.25 24.32
CA SER A 85 6.63 11.42 24.09
C SER A 85 7.75 12.18 23.38
N ALA A 86 7.39 13.02 22.42
CA ALA A 86 8.38 13.80 21.69
C ALA A 86 9.20 14.64 22.67
N ALA A 87 8.52 15.35 23.58
CA ALA A 87 9.18 16.16 24.59
C ALA A 87 10.05 15.33 25.54
N GLU A 88 9.52 14.18 25.94
CA GLU A 88 10.24 13.28 26.84
C GLU A 88 11.52 12.76 26.21
N CYS A 89 11.45 12.35 24.96
CA CYS A 89 12.63 11.84 24.26
C CYS A 89 13.64 12.95 24.03
N ASN A 90 13.15 14.16 23.78
CA ASN A 90 14.02 15.30 23.63
C ASN A 90 14.75 15.65 24.94
N ALA A 91 14.11 15.36 26.06
CA ALA A 91 14.70 15.65 27.37
C ALA A 91 15.85 14.69 27.67
N THR A 92 15.67 13.41 27.35
CA THR A 92 16.72 12.43 27.56
C THR A 92 17.74 12.39 26.44
N GLY A 93 17.34 12.83 25.24
CA GLY A 93 18.16 12.72 24.06
C GLY A 93 18.42 11.29 23.63
N ASP A 94 17.51 10.38 23.96
CA ASP A 94 17.73 8.96 23.75
C ASP A 94 17.16 8.41 22.44
N HIS A 95 17.00 9.29 21.46
CA HIS A 95 16.48 8.91 20.16
C HIS A 95 17.20 7.72 19.53
N GLN A 96 18.53 7.69 19.64
CA GLN A 96 19.33 6.66 18.99
C GLN A 96 19.53 5.42 19.84
N ILE A 97 18.86 5.35 20.98
CA ILE A 97 18.98 4.20 21.87
C ILE A 97 17.70 3.37 21.83
N ASN A 98 17.82 2.08 21.54
CA ASN A 98 16.67 1.17 21.42
C ASN A 98 15.67 1.68 20.39
N SER A 99 16.18 2.34 19.35
CA SER A 99 15.36 3.03 18.35
C SER A 99 14.44 2.11 17.59
N TYR A 100 14.92 0.89 17.35
CA TYR A 100 14.14 -0.15 16.70
C TYR A 100 14.07 -1.35 17.61
N GLN A 101 12.86 -1.88 17.78
CA GLN A 101 12.65 -3.01 18.70
C GLN A 101 11.85 -4.12 18.02
N ASP A 102 10.53 -3.93 17.88
CA ASP A 102 9.70 -4.89 17.16
C ASP A 102 9.58 -4.45 15.70
N PRO A 103 10.21 -5.20 14.78
CA PRO A 103 10.25 -4.74 13.39
C PRO A 103 8.87 -4.63 12.74
N ALA A 104 7.92 -5.49 13.12
CA ALA A 104 6.58 -5.38 12.55
C ALA A 104 5.94 -4.06 12.96
N TYR A 105 5.93 -3.79 14.26
CA TYR A 105 5.31 -2.57 14.75
C TYR A 105 6.03 -1.33 14.22
N ASP A 106 7.34 -1.42 14.13
CA ASP A 106 8.13 -0.30 13.64
C ASP A 106 7.84 -0.05 12.16
N ALA A 107 7.80 -1.13 11.37
CA ALA A 107 7.46 -0.99 9.95
C ALA A 107 6.04 -0.45 9.77
N SER A 108 5.12 -0.80 10.66
CA SER A 108 3.74 -0.31 10.54
C SER A 108 3.65 1.22 10.70
N MET A 109 4.68 1.85 11.27
CA MET A 109 4.67 3.30 11.38
C MET A 109 4.77 3.98 10.02
N PHE A 110 5.28 3.28 9.03
CA PHE A 110 5.32 3.84 7.68
C PHE A 110 3.91 3.80 7.06
N ALA A 111 3.15 2.75 7.32
CA ALA A 111 1.74 2.67 6.90
C ALA A 111 0.89 3.69 7.63
N GLU A 112 1.10 3.80 8.94
CA GLU A 112 0.38 4.79 9.74
C GLU A 112 0.61 6.19 9.18
N ASN A 113 1.84 6.46 8.75
CA ASN A 113 2.17 7.75 8.19
C ASN A 113 1.25 8.08 7.01
N LEU A 114 1.06 7.11 6.12
CA LEU A 114 0.18 7.29 4.96
C LEU A 114 -1.26 7.59 5.38
N SER A 115 -1.74 6.84 6.37
CA SER A 115 -3.11 7.06 6.85
C SER A 115 -3.29 8.46 7.42
N VAL A 116 -2.34 8.95 8.21
CA VAL A 116 -2.49 10.24 8.83
C VAL A 116 -2.35 11.36 7.79
N LEU A 117 -1.41 11.21 6.86
CA LEU A 117 -1.26 12.21 5.80
C LEU A 117 -2.55 12.34 5.00
N GLU A 118 -3.18 11.20 4.70
CA GLU A 118 -4.40 11.22 3.89
C GLU A 118 -5.62 11.68 4.71
N LYS A 119 -5.59 11.47 6.02
CA LYS A 119 -6.61 12.02 6.90
C LYS A 119 -6.64 13.54 6.83
N TYR A 120 -5.46 14.16 6.96
CA TYR A 120 -5.40 15.61 6.98
C TYR A 120 -5.53 16.24 5.60
N LEU A 121 -5.12 15.51 4.57
CA LEU A 121 -5.21 16.01 3.20
C LEU A 121 -5.87 14.94 2.32
N PRO A 122 -7.22 14.91 2.30
CA PRO A 122 -7.93 13.79 1.67
C PRO A 122 -7.63 13.58 0.18
N ASN A 123 -7.20 14.61 -0.55
CA ASN A 123 -6.89 14.42 -1.95
C ASN A 123 -5.39 14.31 -2.21
N ILE A 124 -4.63 13.96 -1.18
CA ILE A 124 -3.18 13.90 -1.33
C ILE A 124 -2.74 12.91 -2.43
N THR A 125 -3.47 11.81 -2.64
CA THR A 125 -3.09 10.85 -3.67
C THR A 125 -3.26 11.37 -5.09
N SER A 126 -3.93 12.52 -5.24
CA SER A 126 -4.07 13.13 -6.55
C SER A 126 -2.84 13.95 -6.98
N TYR A 127 -1.84 14.06 -6.10
CA TYR A 127 -0.59 14.72 -6.47
C TYR A 127 0.42 13.71 -6.96
N PRO A 128 0.95 13.89 -8.18
CA PRO A 128 1.96 12.93 -8.67
C PRO A 128 3.20 12.94 -7.79
N ASN A 129 3.45 14.08 -7.13
CA ASN A 129 4.64 14.22 -6.30
C ASN A 129 4.45 13.69 -4.88
N TYR A 130 3.27 13.14 -4.59
CA TYR A 130 3.08 12.38 -3.36
C TYR A 130 3.60 10.97 -3.58
N LYS A 131 4.74 10.67 -2.96
CA LYS A 131 5.45 9.42 -3.25
C LYS A 131 5.69 8.60 -2.00
N ALA A 132 4.96 8.90 -0.93
CA ALA A 132 5.27 8.32 0.38
C ALA A 132 4.95 6.85 0.48
N ASN A 133 4.22 6.29 -0.48
CA ASN A 133 3.98 4.85 -0.50
C ASN A 133 5.06 4.08 -1.26
N GLU A 134 6.01 4.80 -1.86
CA GLU A 134 7.03 4.17 -2.71
C GLU A 134 8.47 4.44 -2.23
N PHE A 135 8.68 5.55 -1.52
CA PHE A 135 10.00 5.99 -1.06
C PHE A 135 10.00 6.22 0.43
N ALA A 136 11.00 5.65 1.11
CA ALA A 136 11.14 5.82 2.55
C ALA A 136 12.59 6.11 2.92
N ARG A 137 12.75 6.61 4.14
CA ARG A 137 14.06 6.72 4.78
C ARG A 137 13.84 6.39 6.25
N LEU A 138 14.64 5.49 6.80
CA LEU A 138 14.51 5.14 8.22
C LEU A 138 15.08 6.22 9.13
N PRO A 139 14.33 6.60 10.17
CA PRO A 139 14.91 7.41 11.25
C PRO A 139 16.28 6.90 11.70
N TYR A 140 17.23 7.83 11.82
CA TYR A 140 18.59 7.63 12.37
C TYR A 140 19.57 6.83 11.50
N THR A 141 19.11 6.33 10.36
CA THR A 141 19.79 5.22 9.74
C THR A 141 20.12 5.45 8.28
N ASN A 142 21.40 5.40 7.94
CA ASN A 142 21.83 5.55 6.55
C ASN A 142 21.68 4.20 5.83
N GLY A 143 20.44 3.77 5.69
CA GLY A 143 20.10 2.49 5.09
C GLY A 143 19.53 2.65 3.70
N TRP A 144 19.81 1.67 2.84
CA TRP A 144 19.52 1.74 1.41
C TRP A 144 18.90 0.43 0.94
N ARG A 145 17.80 0.55 0.21
CA ARG A 145 17.21 -0.57 -0.52
C ARG A 145 16.82 0.00 -1.86
N VAL A 146 17.70 -0.10 -2.86
CA VAL A 146 17.49 0.58 -4.13
C VAL A 146 17.25 -0.43 -5.25
N THR A 147 18.16 -1.39 -5.40
CA THR A 147 17.97 -2.46 -6.36
C THR A 147 18.38 -3.77 -5.70
N LYS A 148 18.10 -4.86 -6.41
CA LYS A 148 18.57 -6.18 -6.02
C LYS A 148 20.07 -6.21 -5.66
N ASP A 149 20.86 -5.35 -6.30
CA ASP A 149 22.30 -5.31 -6.07
C ASP A 149 22.78 -3.99 -5.50
N PHE A 150 21.88 -3.22 -4.93
CA PHE A 150 22.23 -1.93 -4.34
C PHE A 150 21.43 -1.81 -3.05
N LYS A 151 22.04 -2.31 -1.98
CA LYS A 151 21.47 -2.37 -0.65
C LYS A 151 22.59 -2.10 0.33
N ALA A 152 22.27 -1.46 1.45
CA ALA A 152 23.26 -1.23 2.50
C ALA A 152 22.58 -0.96 3.81
N ASP A 153 23.27 -1.27 4.90
CA ASP A 153 22.72 -1.10 6.23
C ASP A 153 23.59 -0.14 7.05
N GLY A 154 22.96 0.57 7.97
CA GLY A 154 23.72 1.37 8.91
C GLY A 154 24.04 0.50 10.10
N LEU A 155 25.27 -0.04 10.14
CA LEU A 155 25.58 -1.09 11.11
C LEU A 155 25.89 -0.58 12.51
N CYS A 156 26.05 0.74 12.63
CA CYS A 156 26.25 1.41 13.94
C CYS A 156 25.25 2.54 14.15
N ALA A 157 24.14 2.51 13.41
CA ALA A 157 23.23 3.64 13.39
C ALA A 157 22.56 3.90 14.73
N THR A 158 22.15 2.82 15.39
CA THR A 158 21.45 2.93 16.66
C THR A 158 22.02 1.90 17.64
N SER A 159 21.80 2.15 18.92
CA SER A 159 22.51 1.42 19.97
C SER A 159 21.57 0.81 20.99
N ASP A 160 22.06 -0.22 21.68
CA ASP A 160 21.31 -0.88 22.74
C ASP A 160 21.59 -0.26 24.10
N ASP A 161 22.55 0.67 24.15
CA ASP A 161 23.01 1.17 25.45
C ASP A 161 23.58 2.59 25.39
N LEU A 162 24.74 2.73 24.78
CA LEU A 162 25.50 3.98 24.82
C LEU A 162 25.43 4.74 23.50
N LYS A 163 25.54 6.06 23.60
CA LYS A 163 25.61 6.91 22.41
C LYS A 163 27.07 6.97 21.93
N PRO A 164 27.27 7.23 20.62
CA PRO A 164 28.62 7.20 20.04
C PRO A 164 29.64 8.08 20.76
N TRP A 165 29.19 9.15 21.43
CA TRP A 165 30.12 10.08 22.08
C TRP A 165 30.33 9.76 23.55
N GLU A 166 29.61 8.79 24.08
CA GLU A 166 29.71 8.44 25.50
C GLU A 166 30.85 7.47 25.78
N PRO A 167 31.45 7.58 26.98
CA PRO A 167 32.51 6.66 27.38
C PRO A 167 32.05 5.20 27.39
N GLY A 168 32.88 4.32 26.84
CA GLY A 168 32.56 2.90 26.82
C GLY A 168 31.81 2.49 25.56
N TYR A 169 31.47 3.46 24.72
CA TYR A 169 30.77 3.15 23.47
C TYR A 169 31.66 2.30 22.58
N ALA A 170 31.08 1.24 22.03
CA ALA A 170 31.76 0.41 21.04
C ALA A 170 30.76 -0.06 20.01
N CYS A 171 31.18 -0.10 18.75
CA CYS A 171 30.35 -0.71 17.72
C CYS A 171 31.08 -1.87 17.06
N ASP A 172 30.42 -3.02 17.06
CA ASP A 172 30.93 -4.20 16.37
C ASP A 172 30.09 -4.45 15.13
N THR A 173 30.62 -4.07 13.96
CA THR A 173 29.86 -4.22 12.73
C THR A 173 29.62 -5.68 12.34
N ALA A 174 30.44 -6.58 12.89
CA ALA A 174 30.27 -7.99 12.63
C ALA A 174 29.18 -8.58 13.53
N ASN A 175 29.01 -7.96 14.70
CA ASN A 175 27.98 -8.34 15.67
C ASN A 175 27.18 -7.13 16.12
N PRO A 176 26.31 -6.60 15.25
CA PRO A 176 25.68 -5.32 15.53
C PRO A 176 24.62 -5.34 16.63
N SER A 177 24.24 -4.16 17.11
CA SER A 177 23.24 -4.03 18.17
C SER A 177 21.88 -4.61 17.79
N ASN A 178 21.07 -4.94 18.79
CA ASN A 178 19.74 -5.43 18.51
C ASN A 178 18.91 -4.40 17.76
N SER A 179 19.12 -3.13 18.11
CA SER A 179 18.41 -2.03 17.43
C SER A 179 18.78 -2.00 15.95
N VAL A 180 20.06 -2.11 15.64
CA VAL A 180 20.50 -2.16 14.24
C VAL A 180 19.89 -3.34 13.49
N LYS A 181 19.81 -4.51 14.12
CA LYS A 181 19.24 -5.67 13.45
C LYS A 181 17.74 -5.51 13.22
N ALA A 182 17.05 -4.87 14.16
CA ALA A 182 15.63 -4.61 14.00
C ALA A 182 15.38 -3.63 12.86
N ALA A 183 16.25 -2.63 12.72
CA ALA A 183 16.16 -1.69 11.60
C ALA A 183 16.37 -2.40 10.26
N ILE A 184 17.32 -3.33 10.20
CA ILE A 184 17.54 -4.11 8.98
C ILE A 184 16.27 -4.89 8.63
N ALA A 185 15.65 -5.51 9.63
CA ALA A 185 14.40 -6.22 9.42
C ALA A 185 13.30 -5.27 8.91
N VAL A 186 13.25 -4.05 9.43
CA VAL A 186 12.27 -3.07 8.95
C VAL A 186 12.52 -2.74 7.47
N GLN A 187 13.78 -2.50 7.11
CA GLN A 187 14.15 -2.26 5.72
C GLN A 187 13.66 -3.39 4.81
N ASN A 188 13.82 -4.63 5.27
CA ASN A 188 13.45 -5.77 4.44
C ASN A 188 11.93 -5.90 4.30
N ILE A 189 11.20 -5.59 5.37
CA ILE A 189 9.74 -5.55 5.29
C ILE A 189 9.28 -4.49 4.29
N LEU A 190 9.83 -3.29 4.39
CA LEU A 190 9.44 -2.23 3.49
C LEU A 190 9.78 -2.62 2.04
N ALA A 191 10.96 -3.20 1.81
CA ALA A 191 11.34 -3.59 0.46
C ALA A 191 10.37 -4.61 -0.13
N ASN A 192 9.98 -5.59 0.69
CA ASN A 192 9.06 -6.59 0.20
C ASN A 192 7.67 -6.01 -0.07
N ASN A 193 7.36 -4.86 0.54
CA ASN A 193 6.10 -4.17 0.29
C ASN A 193 6.25 -3.05 -0.74
N GLY A 194 7.34 -3.09 -1.50
CA GLY A 194 7.50 -2.24 -2.67
C GLY A 194 8.28 -0.95 -2.46
N TYR A 195 8.70 -0.67 -1.23
CA TYR A 195 9.47 0.56 -0.98
C TYR A 195 10.89 0.49 -1.49
N GLN A 196 11.37 1.61 -2.00
CA GLN A 196 12.80 1.87 -2.01
C GLN A 196 13.11 2.69 -0.77
N THR A 197 14.27 2.45 -0.17
CA THR A 197 14.79 3.32 0.87
C THR A 197 16.14 3.87 0.46
N HIS A 198 16.37 5.13 0.83
CA HIS A 198 17.63 5.78 0.48
C HIS A 198 18.20 6.49 1.69
N GLY A 199 19.52 6.39 1.84
CA GLY A 199 20.21 7.16 2.86
C GLY A 199 20.73 8.47 2.30
N TRP A 200 21.97 8.81 2.66
CA TRP A 200 22.53 10.10 2.26
C TRP A 200 24.05 10.04 2.13
N ASP A 201 24.60 11.00 1.39
CA ASP A 201 26.04 11.12 1.20
C ASP A 201 26.69 12.14 2.13
N VAL A 202 25.97 13.23 2.40
CA VAL A 202 26.46 14.31 3.25
C VAL A 202 25.29 14.84 4.04
N ASP A 203 25.57 15.35 5.23
CA ASP A 203 24.54 15.79 6.18
C ASP A 203 24.83 17.25 6.53
N TRP A 204 23.98 18.16 6.11
CA TRP A 204 24.17 19.60 6.38
C TRP A 204 23.71 19.88 7.80
N ALA A 205 24.67 20.04 8.71
CA ALA A 205 24.38 20.09 10.12
C ALA A 205 25.24 21.16 10.79
N PRO A 206 24.95 21.47 12.08
CA PRO A 206 25.85 22.38 12.81
C PRO A 206 27.27 21.87 12.81
N GLU A 207 28.23 22.78 12.67
CA GLU A 207 29.63 22.43 12.78
C GLU A 207 30.02 22.20 14.24
N ASN A 208 29.19 22.74 15.13
CA ASN A 208 29.43 22.63 16.57
C ASN A 208 28.11 22.50 17.34
N TRP A 209 27.79 21.30 17.78
CA TRP A 209 26.56 21.06 18.54
C TRP A 209 26.73 21.45 20.01
N GLY A 210 27.88 22.01 20.35
CA GLY A 210 28.20 22.28 21.73
C GLY A 210 27.94 23.70 22.19
N ILE A 211 27.87 24.64 21.25
CA ILE A 211 27.64 26.04 21.59
C ILE A 211 26.19 26.26 22.02
N ALA A 212 25.89 27.49 22.44
CA ALA A 212 24.58 27.83 22.97
C ALA A 212 23.49 27.74 21.90
N MET A 213 23.78 28.31 20.74
CA MET A 213 22.85 28.30 19.61
C MET A 213 23.44 27.52 18.45
N PRO A 214 23.39 26.18 18.52
CA PRO A 214 24.04 25.27 17.57
C PRO A 214 23.69 25.54 16.10
N ALA A 215 22.44 25.90 15.82
CA ALA A 215 21.99 26.09 14.44
C ALA A 215 22.79 27.17 13.73
N ASN A 216 23.23 28.17 14.49
CA ASN A 216 24.03 29.26 13.94
C ASN A 216 25.31 28.75 13.27
N SER A 217 25.79 27.61 13.73
CA SER A 217 27.05 27.06 13.22
C SER A 217 26.87 26.17 12.00
N LEU A 218 25.69 26.17 11.39
CA LEU A 218 25.47 25.45 10.14
C LEU A 218 26.53 25.87 9.11
N THR A 219 27.11 24.89 8.42
CA THR A 219 28.15 25.15 7.43
C THR A 219 27.76 26.22 6.41
N GLU A 220 28.63 27.21 6.20
CA GLU A 220 28.39 28.23 5.18
C GLU A 220 28.26 27.60 3.80
N ALA A 221 27.61 28.30 2.88
CA ALA A 221 27.33 27.77 1.55
C ALA A 221 28.59 27.36 0.81
N GLU A 222 29.63 28.18 0.90
CA GLU A 222 30.83 27.93 0.14
C GLU A 222 31.55 26.65 0.63
N PRO A 223 31.83 26.51 1.94
CA PRO A 223 32.46 25.26 2.36
C PRO A 223 31.54 24.04 2.25
N PHE A 224 30.23 24.22 2.36
CA PHE A 224 29.36 23.07 2.24
C PHE A 224 29.36 22.54 0.82
N LEU A 225 29.44 23.43 -0.16
CA LEU A 225 29.61 23.00 -1.53
C LEU A 225 30.91 22.20 -1.67
N GLY A 226 31.94 22.59 -0.92
CA GLY A 226 33.17 21.81 -0.88
C GLY A 226 32.93 20.39 -0.37
N TYR A 227 32.09 20.24 0.64
CA TYR A 227 31.74 18.92 1.16
C TYR A 227 31.06 18.09 0.10
N VAL A 228 30.18 18.74 -0.66
CA VAL A 228 29.47 18.08 -1.74
C VAL A 228 30.47 17.66 -2.82
N ASP A 229 31.36 18.58 -3.21
CA ASP A 229 32.43 18.25 -4.16
C ASP A 229 33.21 17.02 -3.72
N SER A 230 33.54 16.96 -2.43
CA SER A 230 34.35 15.86 -1.89
C SER A 230 33.61 14.52 -1.90
N ALA A 231 32.28 14.59 -1.94
CA ALA A 231 31.45 13.39 -1.85
C ALA A 231 31.13 12.82 -3.23
N LEU A 232 31.27 13.63 -4.27
CA LEU A 232 30.96 13.19 -5.62
C LEU A 232 31.87 12.03 -6.03
N ASN A 233 31.28 10.84 -6.20
CA ASN A 233 31.97 9.62 -6.61
C ASN A 233 33.08 9.12 -5.66
N THR A 234 32.89 9.26 -4.35
CA THR A 234 33.92 8.83 -3.39
C THR A 234 33.39 7.91 -2.29
N CYS A 235 32.26 7.26 -2.56
CA CYS A 235 31.64 6.30 -1.67
C CYS A 235 31.44 6.89 -0.28
N ALA A 236 30.90 8.10 -0.25
CA ALA A 236 30.72 8.85 0.99
C ALA A 236 29.99 8.10 2.11
N PRO A 237 28.98 7.26 1.79
CA PRO A 237 28.33 6.61 2.94
C PRO A 237 29.26 5.70 3.74
N THR A 238 30.38 5.26 3.18
CA THR A 238 31.31 4.43 3.96
C THR A 238 32.32 5.28 4.75
N THR A 239 32.48 6.54 4.37
CA THR A 239 33.53 7.36 4.96
C THR A 239 33.02 8.53 5.79
N ILE A 240 31.70 8.73 5.79
CA ILE A 240 31.07 9.82 6.52
C ILE A 240 31.28 9.70 8.04
N ASN A 241 31.46 10.86 8.69
CA ASN A 241 31.40 10.98 10.15
C ASN A 241 30.06 11.60 10.52
N PRO A 242 29.47 11.21 11.67
CA PRO A 242 29.96 10.26 12.67
C PRO A 242 29.68 8.81 12.32
N ILE A 243 30.16 7.92 13.18
CA ILE A 243 30.11 6.49 12.92
C ILE A 243 28.67 5.97 12.72
N ASN A 244 27.71 6.58 13.43
CA ASN A 244 26.32 6.14 13.34
C ASN A 244 25.64 6.59 12.04
N SER A 245 26.35 7.37 11.23
CA SER A 245 25.83 7.79 9.94
C SER A 245 26.39 6.95 8.78
N LYS A 246 27.24 5.98 9.10
CA LYS A 246 27.85 5.14 8.07
C LYS A 246 26.92 4.05 7.54
N ALA A 247 27.11 3.71 6.27
CA ALA A 247 26.59 2.49 5.70
C ALA A 247 27.79 1.71 5.22
N GLN A 248 28.25 0.81 6.08
CA GLN A 248 29.60 0.26 5.93
C GLN A 248 29.74 -0.61 4.69
N GLU A 249 28.68 -1.33 4.33
CA GLU A 249 28.73 -2.20 3.15
C GLU A 249 28.12 -1.56 1.91
N PHE A 250 28.03 -0.24 1.88
CA PHE A 250 27.56 0.46 0.69
C PHE A 250 28.37 0.00 -0.52
N PRO A 251 27.69 -0.31 -1.64
CA PRO A 251 28.42 -0.80 -2.82
C PRO A 251 29.09 0.31 -3.60
N CYS A 252 30.33 0.64 -3.23
CA CYS A 252 31.04 1.73 -3.87
C CYS A 252 31.08 1.56 -5.37
N GLY A 253 30.81 2.65 -6.10
CA GLY A 253 30.83 2.62 -7.55
C GLY A 253 29.58 2.02 -8.20
N THR A 254 28.57 1.67 -7.41
CA THR A 254 27.33 1.12 -7.97
C THR A 254 26.77 2.14 -8.97
N PRO A 255 26.27 1.64 -10.13
CA PRO A 255 26.03 2.57 -11.24
C PRO A 255 25.03 3.70 -10.95
N LEU A 256 23.98 3.41 -10.19
CA LEU A 256 22.96 4.42 -9.95
C LEU A 256 23.45 5.54 -9.02
N HIS A 257 24.55 5.31 -8.33
CA HIS A 257 25.08 6.31 -7.40
C HIS A 257 26.09 7.24 -8.08
N ALA A 258 26.54 6.89 -9.29
CA ALA A 258 27.57 7.67 -9.95
C ALA A 258 27.09 9.10 -10.21
N ASP A 259 27.97 10.08 -9.96
CA ASP A 259 27.73 11.48 -10.32
C ASP A 259 26.55 12.10 -9.58
N LYS A 260 26.29 11.56 -8.40
CA LYS A 260 25.16 12.03 -7.57
C LYS A 260 25.55 12.21 -6.12
N VAL A 261 25.01 13.26 -5.50
CA VAL A 261 25.19 13.46 -4.06
C VAL A 261 23.84 13.73 -3.42
N ILE A 262 23.48 12.90 -2.46
CA ILE A 262 22.27 13.11 -1.67
C ILE A 262 22.66 13.89 -0.41
N VAL A 263 22.06 15.06 -0.26
CA VAL A 263 22.24 15.89 0.92
C VAL A 263 21.08 15.67 1.87
N LEU A 264 21.39 15.33 3.12
CA LEU A 264 20.42 15.29 4.21
C LEU A 264 20.50 16.58 5.00
N THR A 265 19.37 17.19 5.29
CA THR A 265 19.32 18.21 6.34
C THR A 265 17.90 18.22 6.93
N HIS A 266 17.62 19.20 7.79
CA HIS A 266 16.37 19.26 8.53
C HIS A 266 15.86 20.69 8.53
N GLU A 267 14.59 20.92 8.21
CA GLU A 267 14.12 22.29 8.20
C GLU A 267 14.15 22.93 9.59
N PHE A 268 14.18 22.15 10.67
CA PHE A 268 14.25 22.78 11.99
C PHE A 268 15.59 23.51 12.19
N LEU A 269 16.58 23.26 11.34
CA LEU A 269 17.85 23.98 11.42
C LEU A 269 17.76 25.35 10.75
N PHE A 270 16.60 25.65 10.15
CA PHE A 270 16.40 26.90 9.43
C PHE A 270 15.29 27.71 10.10
N GLU A 271 15.23 27.60 11.43
CA GLU A 271 14.22 28.26 12.23
C GLU A 271 14.84 29.13 13.32
N ASP A 272 14.32 30.34 13.49
CA ASP A 272 14.68 31.15 14.66
C ASP A 272 13.92 30.60 15.84
N GLY A 273 14.64 30.05 16.81
CA GLY A 273 13.98 29.45 17.95
C GLY A 273 14.96 28.81 18.92
N LYS A 274 14.54 27.68 19.48
CA LYS A 274 15.27 27.02 20.57
C LYS A 274 16.65 26.49 20.18
N ARG A 275 16.90 26.36 18.87
CA ARG A 275 18.19 25.86 18.41
C ARG A 275 19.11 26.99 17.94
N GLY A 276 18.57 28.22 17.91
CA GLY A 276 19.34 29.37 17.45
C GLY A 276 18.61 30.18 16.40
N MET A 277 19.35 31.08 15.75
CA MET A 277 18.79 31.96 14.73
C MET A 277 18.87 31.33 13.34
N GLY A 278 18.24 30.17 13.20
CA GLY A 278 18.30 29.39 11.97
C GLY A 278 17.69 30.03 10.74
N ALA A 279 16.60 30.77 10.92
CA ALA A 279 15.97 31.41 9.78
C ALA A 279 16.79 32.59 9.29
N THR A 280 17.21 33.44 10.22
CA THR A 280 17.94 34.65 9.86
C THR A 280 19.32 34.35 9.31
N GLN A 281 19.99 33.37 9.92
CA GLN A 281 21.35 33.04 9.51
C GLN A 281 21.44 31.96 8.42
N ASN A 282 20.55 30.97 8.43
CA ASN A 282 20.76 29.81 7.56
C ASN A 282 19.95 29.77 6.28
N LEU A 283 18.80 30.44 6.23
CA LEU A 283 18.10 30.54 4.94
C LEU A 283 18.99 31.22 3.87
N PRO A 284 19.74 32.28 4.23
CA PRO A 284 20.67 32.83 3.24
C PRO A 284 21.74 31.84 2.77
N LYS A 285 22.19 30.98 3.66
CA LYS A 285 23.13 29.91 3.30
C LYS A 285 22.50 28.94 2.30
N LEU A 286 21.23 28.58 2.53
CA LEU A 286 20.53 27.70 1.62
C LEU A 286 20.42 28.36 0.24
N THR A 287 20.00 29.62 0.21
CA THR A 287 19.93 30.35 -1.04
C THR A 287 21.27 30.38 -1.78
N LYS A 288 22.33 30.78 -1.10
CA LYS A 288 23.62 30.94 -1.76
C LYS A 288 24.23 29.59 -2.16
N PHE A 289 23.97 28.56 -1.36
CA PHE A 289 24.44 27.22 -1.72
C PHE A 289 23.82 26.76 -3.03
N ILE A 290 22.51 26.94 -3.18
CA ILE A 290 21.84 26.54 -4.41
C ILE A 290 22.41 27.27 -5.62
N GLN A 291 22.60 28.58 -5.47
CA GLN A 291 23.14 29.42 -6.54
C GLN A 291 24.58 29.04 -6.91
N LEU A 292 25.42 28.88 -5.90
CA LEU A 292 26.80 28.46 -6.12
C LEU A 292 26.88 27.09 -6.77
N ALA A 293 26.06 26.16 -6.31
CA ALA A 293 26.06 24.81 -6.88
C ALA A 293 25.68 24.84 -8.35
N LYS A 294 24.64 25.58 -8.71
CA LYS A 294 24.23 25.66 -10.11
C LYS A 294 25.34 26.27 -10.96
N GLN A 295 25.96 27.32 -10.43
CA GLN A 295 27.03 28.00 -11.15
C GLN A 295 28.27 27.14 -11.28
N ALA A 296 28.45 26.20 -10.36
CA ALA A 296 29.55 25.26 -10.43
C ALA A 296 29.24 24.11 -11.39
N GLY A 297 27.99 24.02 -11.84
CA GLY A 297 27.64 23.05 -12.85
C GLY A 297 26.75 21.91 -12.37
N TYR A 298 26.36 21.95 -11.10
CA TYR A 298 25.44 20.95 -10.59
C TYR A 298 24.01 21.26 -11.02
N VAL A 299 23.20 20.22 -11.09
CA VAL A 299 21.76 20.42 -11.19
C VAL A 299 21.10 19.76 -9.98
N PHE A 300 19.93 20.24 -9.63
CA PHE A 300 19.16 19.72 -8.51
C PHE A 300 18.02 18.85 -8.99
N ASP A 301 17.85 17.70 -8.35
CA ASP A 301 16.74 16.82 -8.71
C ASP A 301 16.14 16.20 -7.45
N THR A 302 15.07 15.44 -7.64
CA THR A 302 14.31 14.85 -6.54
C THR A 302 14.42 13.33 -6.54
N MET A 303 14.12 12.74 -5.40
CA MET A 303 14.42 11.34 -5.19
C MET A 303 13.57 10.41 -6.04
N ASP A 304 12.44 10.90 -6.56
CA ASP A 304 11.65 10.08 -7.48
C ASP A 304 12.40 9.81 -8.78
N ASN A 305 13.45 10.59 -9.05
CA ASN A 305 14.24 10.43 -10.26
C ASN A 305 15.64 9.85 -10.03
N TYR A 306 15.98 9.56 -8.77
CA TYR A 306 17.29 8.99 -8.44
C TYR A 306 17.56 7.73 -9.28
N THR A 307 16.58 6.84 -9.31
CA THR A 307 16.52 5.83 -10.35
C THR A 307 15.64 6.43 -11.46
N PRO A 308 16.17 6.57 -12.68
CA PRO A 308 15.41 7.30 -13.72
C PRO A 308 14.16 6.54 -14.14
N ASN A 309 13.08 7.28 -14.34
CA ASN A 309 11.86 6.65 -14.81
C ASN A 309 12.02 6.22 -16.26
N TRP A 310 11.50 5.04 -16.58
CA TRP A 310 11.48 4.55 -17.96
C TRP A 310 10.82 5.57 -18.86
N GLN A 311 11.45 5.83 -20.01
CA GLN A 311 10.95 6.85 -20.91
C GLN A 311 11.04 6.41 -22.36
N VAL A 312 9.89 6.49 -23.03
CA VAL A 312 9.80 6.19 -24.45
C VAL A 312 10.79 7.04 -25.24
N GLY A 313 11.53 6.40 -26.12
CA GLY A 313 12.49 7.12 -26.96
C GLY A 313 13.89 7.17 -26.40
N ASN A 314 14.05 6.84 -25.12
CA ASN A 314 15.38 6.82 -24.54
C ASN A 314 16.19 5.62 -25.02
N ASN A 315 17.49 5.83 -25.19
CA ASN A 315 18.40 4.74 -25.47
C ASN A 315 18.90 4.15 -24.17
N TYR A 316 18.77 2.83 -24.04
CA TYR A 316 19.22 2.12 -22.85
C TYR A 316 20.35 1.18 -23.22
N SER A 317 21.34 1.12 -22.35
CA SER A 317 22.41 0.14 -22.47
C SER A 317 22.08 -1.05 -21.60
N ALA A 318 22.49 -2.25 -22.02
CA ALA A 318 22.33 -3.42 -21.19
C ALA A 318 22.87 -3.12 -19.79
N GLY A 319 22.10 -3.49 -18.77
CA GLY A 319 22.52 -3.26 -17.41
C GLY A 319 21.95 -1.99 -16.79
N ASP A 320 21.38 -1.11 -17.61
CA ASP A 320 20.80 0.14 -17.10
C ASP A 320 19.59 -0.16 -16.21
N TYR A 321 19.43 0.64 -15.18
CA TYR A 321 18.26 0.53 -14.31
C TYR A 321 17.25 1.64 -14.56
N VAL A 322 15.97 1.27 -14.51
CA VAL A 322 14.89 2.24 -14.57
C VAL A 322 13.82 1.92 -13.52
N LEU A 323 12.97 2.91 -13.25
CA LEU A 323 11.73 2.69 -12.51
C LEU A 323 10.56 2.64 -13.48
N HIS A 324 9.63 1.73 -13.23
CA HIS A 324 8.40 1.71 -14.00
C HIS A 324 7.29 1.35 -13.03
N LEU A 325 6.35 2.27 -12.84
CA LEU A 325 5.28 2.09 -11.87
C LEU A 325 5.79 1.57 -10.52
N GLY A 326 6.81 2.23 -10.00
CA GLY A 326 7.30 1.92 -8.66
C GLY A 326 8.22 0.72 -8.55
N THR A 327 8.45 0.03 -9.65
CA THR A 327 9.26 -1.17 -9.66
C THR A 327 10.55 -0.93 -10.42
N VAL A 328 11.68 -1.37 -9.87
CA VAL A 328 12.97 -1.28 -10.54
C VAL A 328 13.12 -2.39 -11.57
N TYR A 329 13.59 -2.02 -12.75
CA TYR A 329 13.93 -3.00 -13.78
C TYR A 329 15.35 -2.75 -14.29
N GLN A 330 15.97 -3.82 -14.80
CA GLN A 330 17.30 -3.73 -15.39
C GLN A 330 17.25 -4.18 -16.86
N ALA A 331 17.91 -3.41 -17.73
CA ALA A 331 17.84 -3.70 -19.16
C ALA A 331 18.62 -4.96 -19.51
N VAL A 332 17.98 -5.84 -20.26
CA VAL A 332 18.59 -7.10 -20.67
C VAL A 332 19.55 -6.88 -21.83
N THR A 333 19.17 -6.00 -22.74
CA THR A 333 19.99 -5.70 -23.91
C THR A 333 19.95 -4.20 -24.19
N SER A 334 20.94 -3.71 -24.93
CA SER A 334 20.91 -2.33 -25.37
C SER A 334 19.83 -2.16 -26.44
N HIS A 335 19.03 -1.12 -26.29
CA HIS A 335 17.89 -0.92 -27.18
C HIS A 335 17.33 0.47 -26.99
N THR A 336 16.40 0.85 -27.86
CA THR A 336 15.70 2.12 -27.73
C THR A 336 14.26 1.83 -27.29
N ALA A 337 13.81 2.49 -26.23
CA ALA A 337 12.48 2.23 -25.68
C ALA A 337 11.37 2.65 -26.63
N GLN A 338 10.37 1.77 -26.74
CA GLN A 338 9.18 2.02 -27.57
C GLN A 338 7.94 1.90 -26.71
N GLN A 339 6.91 2.67 -27.02
CA GLN A 339 5.76 2.78 -26.13
C GLN A 339 5.06 1.45 -25.82
N ASP A 340 5.04 0.52 -26.79
CA ASP A 340 4.26 -0.70 -26.59
C ASP A 340 5.06 -1.83 -25.96
N TRP A 341 6.35 -1.60 -25.71
CA TRP A 341 7.23 -2.60 -25.10
C TRP A 341 7.83 -2.06 -23.81
N ALA A 342 7.01 -2.00 -22.76
CA ALA A 342 7.43 -1.45 -21.48
C ALA A 342 8.00 -2.55 -20.57
N PRO A 343 8.77 -2.15 -19.55
CA PRO A 343 9.19 -3.16 -18.56
C PRO A 343 7.98 -3.81 -17.92
N SER A 344 8.05 -5.11 -17.62
CA SER A 344 6.90 -5.81 -17.08
C SER A 344 7.34 -7.15 -16.55
N PRO A 345 6.45 -7.87 -15.87
CA PRO A 345 6.73 -9.25 -15.45
C PRO A 345 6.99 -10.24 -16.60
N THR A 346 6.75 -9.86 -17.86
CA THR A 346 7.04 -10.78 -18.97
C THR A 346 7.93 -10.18 -20.05
N SER A 347 8.37 -8.94 -19.88
CA SER A 347 9.17 -8.28 -20.91
C SER A 347 10.49 -9.01 -21.17
N SER A 348 10.83 -9.20 -22.44
CA SER A 348 12.12 -9.77 -22.80
C SER A 348 13.26 -8.75 -22.68
N LEU A 349 12.94 -7.46 -22.65
CA LEU A 349 13.95 -6.41 -22.63
C LEU A 349 14.38 -5.98 -21.24
N TRP A 350 13.63 -6.41 -20.21
CA TRP A 350 13.83 -5.96 -18.83
C TRP A 350 13.61 -7.12 -17.88
N THR A 351 14.42 -7.16 -16.82
CA THR A 351 14.10 -8.03 -15.68
C THR A 351 13.82 -7.17 -14.46
N ASN A 352 12.96 -7.66 -13.58
CA ASN A 352 12.71 -7.01 -12.31
C ASN A 352 13.97 -7.03 -11.44
N ALA A 353 14.36 -5.86 -10.92
CA ALA A 353 15.51 -5.76 -10.03
C ALA A 353 15.17 -4.98 -8.78
N ASP A 354 13.92 -5.13 -8.31
CA ASP A 354 13.53 -4.56 -7.01
C ASP A 354 14.41 -5.16 -5.91
N PRO A 355 14.62 -4.40 -4.83
CA PRO A 355 15.43 -4.88 -3.71
C PRO A 355 14.68 -5.83 -2.77
N ALA A 356 13.57 -6.39 -3.21
CA ALA A 356 12.79 -7.34 -2.42
C ALA A 356 13.48 -8.70 -2.35
N THR A 357 13.11 -9.49 -1.35
CA THR A 357 13.68 -10.82 -1.18
C THR A 357 12.62 -11.93 -1.28
N ASN A 358 11.34 -11.58 -1.37
CA ASN A 358 10.32 -12.56 -1.76
C ASN A 358 10.55 -12.99 -3.20
N TRP A 359 10.30 -14.27 -3.50
CA TRP A 359 10.41 -14.72 -4.89
C TRP A 359 9.49 -13.88 -5.76
N THR A 360 10.03 -13.47 -6.89
CA THR A 360 9.32 -12.58 -7.80
C THR A 360 9.58 -13.05 -9.22
N GLN A 361 8.54 -12.98 -10.05
CA GLN A 361 8.63 -13.30 -11.46
C GLN A 361 9.55 -12.35 -12.26
N ASN A 362 10.28 -12.90 -13.24
CA ASN A 362 11.13 -12.13 -14.18
C ASN A 362 12.30 -11.45 -13.50
N VAL A 363 12.89 -12.09 -12.50
CA VAL A 363 14.08 -11.61 -11.84
C VAL A 363 15.26 -12.45 -12.31
N SER A 364 16.39 -11.81 -12.60
CA SER A 364 17.61 -12.55 -12.91
C SER A 364 18.29 -12.97 -11.61
N TYR A 365 18.00 -14.19 -11.16
CA TYR A 365 18.55 -14.70 -9.91
C TYR A 365 19.97 -15.24 -10.09
N LYS A 366 20.76 -15.13 -9.03
CA LYS A 366 22.13 -15.63 -9.00
C LYS A 366 22.21 -16.83 -8.09
N GLN A 367 23.16 -17.71 -8.37
CA GLN A 367 23.50 -18.78 -7.47
C GLN A 367 23.74 -18.23 -6.07
N GLY A 368 23.12 -18.86 -5.06
CA GLY A 368 23.28 -18.41 -3.70
C GLY A 368 22.24 -17.43 -3.20
N ASP A 369 21.45 -16.87 -4.12
CA ASP A 369 20.37 -15.96 -3.72
C ASP A 369 19.36 -16.72 -2.84
N VAL A 370 18.87 -16.08 -1.79
CA VAL A 370 17.82 -16.67 -0.97
C VAL A 370 16.50 -15.96 -1.25
N VAL A 371 15.46 -16.74 -1.53
CA VAL A 371 14.12 -16.19 -1.72
C VAL A 371 13.15 -16.79 -0.73
N THR A 372 12.05 -16.09 -0.49
CA THR A 372 10.97 -16.62 0.33
C THR A 372 9.73 -16.75 -0.54
N TYR A 373 9.06 -17.89 -0.42
CA TYR A 373 7.89 -18.17 -1.23
C TYR A 373 6.93 -19.06 -0.44
N GLN A 374 5.68 -18.61 -0.29
CA GLN A 374 4.67 -19.35 0.49
C GLN A 374 5.20 -19.66 1.89
N GLY A 375 5.90 -18.71 2.48
CA GLY A 375 6.39 -18.83 3.85
C GLY A 375 7.65 -19.67 4.03
N LEU A 376 8.21 -20.16 2.93
CA LEU A 376 9.39 -21.04 3.00
C LEU A 376 10.58 -20.40 2.30
N ARG A 377 11.78 -20.64 2.83
CA ARG A 377 12.99 -20.11 2.23
C ARG A 377 13.64 -21.10 1.29
N TYR A 378 14.16 -20.60 0.18
CA TYR A 378 14.81 -21.40 -0.82
C TYR A 378 16.11 -20.74 -1.23
N LEU A 379 17.12 -21.55 -1.55
CA LEU A 379 18.37 -21.05 -2.08
C LEU A 379 18.48 -21.37 -3.56
N VAL A 380 18.86 -20.39 -4.37
CA VAL A 380 19.02 -20.59 -5.80
C VAL A 380 20.28 -21.41 -6.13
N ASN A 381 20.10 -22.53 -6.85
CA ASN A 381 21.25 -23.38 -7.19
C ASN A 381 22.02 -22.90 -8.39
N VAL A 382 21.33 -22.24 -9.32
CA VAL A 382 21.95 -21.84 -10.57
C VAL A 382 21.33 -20.54 -11.04
N PRO A 383 22.14 -19.64 -11.63
CA PRO A 383 21.53 -18.43 -12.18
C PRO A 383 20.46 -18.71 -13.23
N HIS A 384 19.36 -17.96 -13.15
CA HIS A 384 18.27 -18.11 -14.10
C HIS A 384 17.36 -16.89 -14.00
N VAL A 385 16.57 -16.67 -15.02
CA VAL A 385 15.49 -15.67 -14.95
C VAL A 385 14.21 -16.37 -14.52
N SER A 386 13.64 -15.95 -13.39
CA SER A 386 12.44 -16.59 -12.90
C SER A 386 11.25 -16.38 -13.86
N GLN A 387 10.38 -17.38 -13.93
CA GLN A 387 9.15 -17.25 -14.68
C GLN A 387 8.08 -17.97 -13.90
N ALA A 388 6.82 -17.74 -14.28
CA ALA A 388 5.68 -18.20 -13.50
C ALA A 388 5.73 -19.69 -13.21
N ASP A 389 6.11 -20.50 -14.20
CA ASP A 389 6.07 -21.93 -13.99
C ASP A 389 7.37 -22.49 -13.36
N TRP A 390 8.29 -21.59 -13.02
CA TRP A 390 9.51 -21.97 -12.33
C TRP A 390 9.53 -21.45 -10.89
N SER A 391 8.34 -21.24 -10.32
CA SER A 391 8.25 -20.81 -8.91
C SER A 391 8.85 -21.90 -8.03
N PRO A 392 9.38 -21.53 -6.85
CA PRO A 392 9.99 -22.51 -5.95
C PRO A 392 9.00 -23.58 -5.49
N SER A 393 9.51 -24.79 -5.35
CA SER A 393 8.75 -25.90 -4.80
C SER A 393 9.78 -26.92 -4.42
N SER A 394 9.36 -27.97 -3.72
CA SER A 394 10.30 -29.02 -3.33
C SER A 394 10.73 -29.87 -4.53
N GLN A 395 10.06 -29.70 -5.67
CA GLN A 395 10.37 -30.47 -6.87
C GLN A 395 11.13 -29.65 -7.91
N ASN A 396 11.25 -28.35 -7.65
CA ASN A 396 11.95 -27.45 -8.56
C ASN A 396 13.45 -27.43 -8.25
N THR A 397 14.25 -28.07 -9.10
CA THR A 397 15.67 -28.21 -8.80
C THR A 397 16.49 -26.94 -9.07
N LEU A 398 15.84 -25.88 -9.56
CA LEU A 398 16.52 -24.58 -9.62
C LEU A 398 16.84 -24.06 -8.22
N PHE A 399 16.12 -24.60 -7.23
CA PHE A 399 16.22 -24.20 -5.83
C PHE A 399 16.49 -25.39 -4.94
N THR A 400 17.08 -25.10 -3.78
CA THR A 400 17.08 -26.02 -2.67
C THR A 400 16.29 -25.41 -1.51
N ALA A 401 15.30 -26.13 -1.00
CA ALA A 401 14.59 -25.67 0.17
C ALA A 401 15.50 -25.64 1.41
N LEU A 402 15.51 -24.52 2.12
CA LEU A 402 16.32 -24.39 3.31
C LEU A 402 15.60 -24.91 4.54
N THR B 1 -19.08 -24.72 -19.95
CA THR B 1 -19.56 -24.74 -18.58
C THR B 1 -20.76 -23.82 -18.40
N LYS B 2 -21.56 -24.09 -17.37
CA LYS B 2 -22.79 -23.33 -17.13
C LYS B 2 -22.50 -21.92 -16.63
N GLY B 3 -21.46 -21.81 -15.83
CA GLY B 3 -21.08 -20.52 -15.27
C GLY B 3 -20.02 -20.75 -14.22
N THR B 4 -19.60 -19.65 -13.59
CA THR B 4 -18.57 -19.69 -12.57
C THR B 4 -19.12 -19.18 -11.26
N ILE B 5 -18.90 -19.93 -10.20
CA ILE B 5 -19.27 -19.55 -8.86
C ILE B 5 -18.04 -19.13 -8.08
N TYR B 6 -18.14 -17.99 -7.40
CA TYR B 6 -17.06 -17.50 -6.52
C TYR B 6 -17.56 -17.63 -5.10
N LEU B 7 -17.11 -18.67 -4.41
CA LEU B 7 -17.45 -18.83 -3.00
C LEU B 7 -16.64 -17.86 -2.19
N THR B 8 -17.30 -16.97 -1.47
CA THR B 8 -16.59 -15.98 -0.68
C THR B 8 -17.10 -16.05 0.76
N PHE B 9 -16.15 -16.11 1.71
CA PHE B 9 -16.44 -16.26 3.12
C PHE B 9 -15.98 -15.01 3.84
N ASP B 10 -16.87 -14.38 4.59
CA ASP B 10 -16.56 -13.17 5.30
C ASP B 10 -16.44 -13.39 6.81
N ASP B 11 -15.55 -12.60 7.42
CA ASP B 11 -15.44 -12.33 8.87
C ASP B 11 -14.51 -13.26 9.64
N GLY B 12 -13.83 -14.16 8.94
CA GLY B 12 -12.78 -14.94 9.59
C GLY B 12 -11.56 -14.06 9.82
N PRO B 13 -10.44 -14.65 10.26
CA PRO B 13 -10.23 -16.07 10.54
C PRO B 13 -10.71 -16.44 11.94
N ILE B 14 -11.51 -17.50 12.04
CA ILE B 14 -11.92 -18.00 13.33
C ILE B 14 -11.73 -19.50 13.33
N ASN B 15 -11.98 -20.15 14.48
CA ASN B 15 -11.80 -21.58 14.57
C ASN B 15 -12.60 -22.33 13.50
N ALA B 16 -13.82 -21.88 13.27
CA ALA B 16 -14.73 -22.51 12.32
C ALA B 16 -14.20 -22.45 10.89
N SER B 17 -13.32 -21.50 10.60
CA SER B 17 -12.70 -21.41 9.28
C SER B 17 -11.97 -22.70 8.89
N ILE B 18 -11.38 -23.37 9.87
CA ILE B 18 -10.61 -24.57 9.61
C ILE B 18 -11.47 -25.68 9.02
N ASP B 19 -12.62 -25.95 9.63
CA ASP B 19 -13.48 -27.01 9.12
C ASP B 19 -14.07 -26.66 7.75
N VAL B 20 -14.34 -25.37 7.51
CA VAL B 20 -14.77 -24.94 6.20
C VAL B 20 -13.66 -25.17 5.16
N ILE B 21 -12.45 -24.74 5.48
CA ILE B 21 -11.32 -24.94 4.57
C ILE B 21 -11.09 -26.43 4.29
N ASN B 22 -11.24 -27.27 5.32
CA ASN B 22 -11.07 -28.70 5.11
C ASN B 22 -12.10 -29.26 4.13
N VAL B 23 -13.35 -28.80 4.22
CA VAL B 23 -14.36 -29.19 3.25
C VAL B 23 -14.01 -28.73 1.82
N LEU B 24 -13.59 -27.47 1.68
CA LEU B 24 -13.19 -26.95 0.37
C LEU B 24 -12.06 -27.77 -0.21
N ASN B 25 -11.06 -28.10 0.60
CA ASN B 25 -9.95 -28.92 0.14
C ASN B 25 -10.39 -30.32 -0.26
N GLN B 26 -11.30 -30.91 0.52
CA GLN B 26 -11.81 -32.24 0.23
C GLN B 26 -12.50 -32.28 -1.13
N GLU B 27 -13.19 -31.19 -1.47
CA GLU B 27 -13.89 -31.14 -2.74
C GLU B 27 -13.07 -30.46 -3.84
N GLU B 28 -11.80 -30.19 -3.54
CA GLU B 28 -10.84 -29.61 -4.48
C GLU B 28 -11.35 -28.32 -5.16
N VAL B 29 -11.83 -27.40 -4.34
CA VAL B 29 -12.18 -26.08 -4.84
C VAL B 29 -11.45 -25.04 -4.00
N LYS B 30 -11.19 -23.88 -4.61
CA LYS B 30 -10.61 -22.76 -3.91
C LYS B 30 -11.65 -21.70 -3.67
N ALA B 31 -11.50 -20.97 -2.57
CA ALA B 31 -12.45 -19.90 -2.23
C ALA B 31 -11.69 -18.65 -1.83
N THR B 32 -12.45 -17.59 -1.58
CA THR B 32 -11.90 -16.28 -1.20
C THR B 32 -12.39 -15.94 0.19
N PHE B 33 -11.46 -15.56 1.05
CA PHE B 33 -11.77 -15.23 2.44
C PHE B 33 -11.53 -13.75 2.66
N TYR B 34 -12.59 -13.03 3.01
CA TYR B 34 -12.49 -11.62 3.35
C TYR B 34 -12.37 -11.52 4.86
N PHE B 35 -11.12 -11.35 5.31
CA PHE B 35 -10.78 -11.49 6.72
C PHE B 35 -10.80 -10.18 7.50
N ASN B 36 -11.11 -10.29 8.79
CA ASN B 36 -10.96 -9.22 9.77
C ASN B 36 -9.90 -9.66 10.79
N ALA B 37 -8.74 -9.01 10.79
CA ALA B 37 -7.63 -9.49 11.62
C ALA B 37 -7.82 -9.32 13.12
N TRP B 38 -8.80 -8.57 13.57
CA TRP B 38 -9.06 -8.49 15.03
C TRP B 38 -9.28 -9.82 15.70
N HIS B 39 -9.69 -10.82 14.94
CA HIS B 39 -9.80 -12.17 15.51
C HIS B 39 -8.43 -12.74 15.91
N LEU B 40 -7.37 -12.31 15.22
CA LEU B 40 -6.03 -12.73 15.60
C LEU B 40 -5.62 -12.15 16.95
N ASP B 41 -6.16 -10.97 17.27
CA ASP B 41 -5.92 -10.32 18.55
C ASP B 41 -6.81 -10.86 19.66
N GLY B 42 -7.77 -11.72 19.30
CA GLY B 42 -8.62 -12.37 20.29
C GLY B 42 -9.74 -11.50 20.83
N ILE B 43 -10.07 -10.42 20.12
CA ILE B 43 -11.11 -9.50 20.58
C ILE B 43 -12.36 -9.48 19.70
N GLY B 44 -12.55 -10.48 18.85
CA GLY B 44 -13.66 -10.46 17.91
C GLY B 44 -14.92 -11.18 18.33
N ASP B 45 -14.94 -11.65 19.57
CA ASP B 45 -16.12 -12.32 20.17
C ASP B 45 -16.58 -13.56 19.40
N GLU B 46 -15.62 -14.34 18.92
CA GLU B 46 -15.92 -15.67 18.38
C GLU B 46 -14.97 -16.65 19.01
N ASN B 47 -15.17 -17.93 18.76
CA ASN B 47 -14.15 -18.90 19.09
C ASN B 47 -13.00 -18.71 18.13
N GLU B 48 -11.88 -18.19 18.61
CA GLU B 48 -10.84 -17.75 17.71
C GLU B 48 -9.43 -18.01 18.23
N ASP B 49 -9.30 -18.95 19.16
CA ASP B 49 -7.97 -19.28 19.69
C ASP B 49 -7.11 -19.94 18.62
N ARG B 50 -7.73 -20.48 17.57
CA ARG B 50 -7.00 -21.08 16.47
C ARG B 50 -7.04 -20.20 15.21
N ALA B 51 -7.22 -18.89 15.41
CA ALA B 51 -7.33 -17.96 14.28
C ALA B 51 -6.07 -17.94 13.41
N LEU B 52 -4.90 -17.92 14.03
CA LEU B 52 -3.65 -17.91 13.28
C LEU B 52 -3.48 -19.22 12.51
N GLU B 53 -3.80 -20.34 13.15
CA GLU B 53 -3.78 -21.62 12.47
C GLU B 53 -4.71 -21.61 11.23
N ALA B 54 -5.87 -21.00 11.37
CA ALA B 54 -6.83 -20.90 10.27
C ALA B 54 -6.29 -20.04 9.13
N LEU B 55 -5.73 -18.88 9.45
CA LEU B 55 -5.09 -18.03 8.45
C LEU B 55 -3.99 -18.79 7.69
N LYS B 56 -3.12 -19.49 8.42
CA LYS B 56 -2.07 -20.26 7.78
C LYS B 56 -2.63 -21.35 6.89
N LEU B 57 -3.70 -22.00 7.36
CA LEU B 57 -4.28 -23.10 6.62
C LEU B 57 -4.91 -22.58 5.31
N ALA B 58 -5.56 -21.42 5.38
CA ALA B 58 -6.14 -20.81 4.20
C ALA B 58 -5.05 -20.55 3.16
N LEU B 59 -3.95 -19.96 3.61
CA LEU B 59 -2.86 -19.62 2.69
C LEU B 59 -2.12 -20.85 2.16
N ASP B 60 -1.83 -21.79 3.04
CA ASP B 60 -1.12 -23.01 2.64
C ASP B 60 -1.95 -23.90 1.71
N SER B 61 -3.28 -23.74 1.75
CA SER B 61 -4.21 -24.51 0.94
C SER B 61 -4.55 -23.86 -0.40
N GLY B 62 -3.99 -22.66 -0.65
CA GLY B 62 -4.22 -21.98 -1.92
C GLY B 62 -5.46 -21.09 -2.02
N HIS B 63 -6.15 -20.86 -0.90
CA HIS B 63 -7.29 -19.96 -0.92
C HIS B 63 -6.83 -18.52 -0.92
N ILE B 64 -7.67 -17.64 -1.46
CA ILE B 64 -7.32 -16.24 -1.55
C ILE B 64 -7.68 -15.53 -0.26
N VAL B 65 -6.75 -14.73 0.26
CA VAL B 65 -7.01 -13.91 1.43
C VAL B 65 -7.15 -12.46 0.99
N ALA B 66 -8.31 -11.88 1.32
CA ALA B 66 -8.63 -10.52 0.90
C ALA B 66 -9.05 -9.67 2.11
N ASN B 67 -9.30 -8.39 1.87
CA ASN B 67 -9.41 -7.42 2.95
C ASN B 67 -10.84 -7.03 3.33
N HIS B 68 -11.25 -7.32 4.57
CA HIS B 68 -12.59 -6.94 5.03
C HIS B 68 -12.53 -5.90 6.15
N SER B 69 -11.34 -5.34 6.37
CA SER B 69 -10.99 -4.34 7.39
C SER B 69 -10.62 -4.99 8.72
N TYR B 70 -9.85 -4.27 9.53
CA TYR B 70 -9.35 -4.82 10.79
C TYR B 70 -10.46 -5.25 11.75
N ASP B 71 -11.45 -4.38 11.96
CA ASP B 71 -12.42 -4.58 13.03
C ASP B 71 -13.88 -4.64 12.57
N HIS B 72 -14.10 -4.86 11.29
CA HIS B 72 -15.46 -4.90 10.75
C HIS B 72 -16.24 -3.61 11.05
N MET B 73 -15.52 -2.49 11.16
CA MET B 73 -16.07 -1.17 11.48
C MET B 73 -16.76 -1.10 12.86
N VAL B 74 -16.45 -2.05 13.74
CA VAL B 74 -17.17 -2.09 15.03
C VAL B 74 -16.73 -0.93 15.94
N HIS B 75 -15.61 -0.27 15.65
CA HIS B 75 -15.30 1.00 16.35
C HIS B 75 -16.44 2.01 16.19
N ASN B 76 -17.22 1.90 15.13
CA ASN B 76 -18.36 2.80 14.92
C ASN B 76 -19.64 2.34 15.60
N CYS B 77 -19.57 1.21 16.33
CA CYS B 77 -20.73 0.66 16.99
C CYS B 77 -20.71 0.98 18.49
N VAL B 78 -19.60 1.54 18.95
CA VAL B 78 -19.39 1.83 20.38
C VAL B 78 -18.76 3.21 20.55
N GLU B 79 -18.76 3.75 21.77
CA GLU B 79 -18.18 5.08 21.99
C GLU B 79 -16.66 5.03 22.01
N GLU B 80 -16.10 4.01 22.65
CA GLU B 80 -14.65 3.85 22.67
C GLU B 80 -14.26 2.41 22.39
N PHE B 81 -13.52 2.20 21.30
CA PHE B 81 -13.14 0.87 20.87
C PHE B 81 -12.15 0.22 21.84
N GLY B 82 -12.35 -1.07 22.09
CA GLY B 82 -11.46 -1.83 22.94
C GLY B 82 -11.77 -3.32 22.84
N PRO B 83 -11.18 -4.12 23.74
CA PRO B 83 -11.32 -5.59 23.66
C PRO B 83 -12.75 -6.10 23.84
N ASN B 84 -13.64 -5.28 24.39
CA ASN B 84 -15.02 -5.70 24.62
C ASN B 84 -16.04 -5.18 23.61
N SER B 85 -15.58 -4.41 22.63
CA SER B 85 -16.49 -3.79 21.67
C SER B 85 -17.27 -4.81 20.84
N ALA B 86 -16.61 -5.91 20.46
CA ALA B 86 -17.26 -6.96 19.70
C ALA B 86 -18.50 -7.48 20.44
N ALA B 87 -18.29 -7.85 21.70
CA ALA B 87 -19.37 -8.38 22.52
C ALA B 87 -20.47 -7.33 22.76
N GLU B 88 -20.06 -6.09 22.96
CA GLU B 88 -21.02 -5.01 23.16
C GLU B 88 -21.90 -4.81 21.93
N CYS B 89 -21.29 -4.80 20.75
CA CYS B 89 -22.05 -4.61 19.52
C CYS B 89 -22.96 -5.82 19.26
N ASN B 90 -22.48 -7.00 19.62
CA ASN B 90 -23.30 -8.20 19.47
C ASN B 90 -24.50 -8.17 20.41
N ALA B 91 -24.35 -7.54 21.56
CA ALA B 91 -25.44 -7.43 22.53
C ALA B 91 -26.58 -6.56 21.99
N THR B 92 -26.22 -5.44 21.36
CA THR B 92 -27.22 -4.54 20.79
C THR B 92 -27.65 -4.95 19.39
N GLY B 93 -26.76 -5.62 18.67
CA GLY B 93 -27.01 -5.96 17.28
C GLY B 93 -27.05 -4.73 16.40
N ASP B 94 -26.35 -3.68 16.80
CA ASP B 94 -26.41 -2.40 16.10
C ASP B 94 -25.30 -2.21 15.07
N HIS B 95 -24.77 -3.32 14.56
CA HIS B 95 -23.70 -3.27 13.56
C HIS B 95 -24.02 -2.34 12.38
N GLN B 96 -25.26 -2.37 11.92
CA GLN B 96 -25.64 -1.66 10.70
C GLN B 96 -26.09 -0.23 10.95
N ILE B 97 -25.99 0.23 12.20
CA ILE B 97 -26.36 1.59 12.53
C ILE B 97 -25.10 2.44 12.76
N ASN B 98 -25.02 3.56 12.06
CA ASN B 98 -23.85 4.44 12.12
C ASN B 98 -22.55 3.72 11.79
N SER B 99 -22.63 2.76 10.87
CA SER B 99 -21.51 1.85 10.57
C SER B 99 -20.29 2.55 10.00
N TYR B 100 -20.54 3.63 9.26
CA TYR B 100 -19.48 4.43 8.64
C TYR B 100 -19.71 5.85 9.08
N GLN B 101 -18.65 6.50 9.54
CA GLN B 101 -18.76 7.86 10.06
C GLN B 101 -17.68 8.76 9.46
N ASP B 102 -16.45 8.62 9.95
CA ASP B 102 -15.31 9.35 9.39
C ASP B 102 -14.66 8.48 8.30
N PRO B 103 -14.84 8.86 7.03
CA PRO B 103 -14.36 7.93 5.98
C PRO B 103 -12.85 7.71 5.99
N ALA B 104 -12.08 8.71 6.41
CA ALA B 104 -10.62 8.52 6.50
C ALA B 104 -10.27 7.44 7.52
N TYR B 105 -10.80 7.58 8.72
CA TYR B 105 -10.51 6.62 9.77
C TYR B 105 -11.03 5.25 9.40
N ASP B 106 -12.20 5.20 8.80
CA ASP B 106 -12.79 3.93 8.43
C ASP B 106 -11.95 3.27 7.33
N ALA B 107 -11.55 4.04 6.33
CA ALA B 107 -10.68 3.48 5.29
C ALA B 107 -9.35 2.99 5.87
N SER B 108 -8.85 3.65 6.91
CA SER B 108 -7.59 3.27 7.53
C SER B 108 -7.67 1.88 8.15
N MET B 109 -8.88 1.36 8.39
CA MET B 109 -9.00 0.03 8.95
C MET B 109 -8.60 -1.07 7.96
N PHE B 110 -8.64 -0.75 6.67
CA PHE B 110 -8.16 -1.69 5.67
C PHE B 110 -6.62 -1.74 5.68
N ALA B 111 -5.99 -0.59 5.90
CA ALA B 111 -4.53 -0.55 6.09
C ALA B 111 -4.11 -1.25 7.38
N GLU B 112 -4.83 -0.99 8.46
CA GLU B 112 -4.54 -1.62 9.75
C GLU B 112 -4.64 -3.13 9.62
N ASN B 113 -5.60 -3.59 8.83
CA ASN B 113 -5.77 -5.02 8.61
C ASN B 113 -4.48 -5.62 8.06
N LEU B 114 -3.89 -4.97 7.06
CA LEU B 114 -2.63 -5.46 6.48
C LEU B 114 -1.54 -5.52 7.52
N SER B 115 -1.44 -4.47 8.34
CA SER B 115 -0.39 -4.42 9.35
C SER B 115 -0.54 -5.58 10.34
N VAL B 116 -1.77 -5.86 10.76
CA VAL B 116 -1.96 -6.89 11.77
C VAL B 116 -1.74 -8.28 11.16
N LEU B 117 -2.20 -8.51 9.93
CA LEU B 117 -1.95 -9.80 9.29
C LEU B 117 -0.45 -10.07 9.18
N GLU B 118 0.30 -9.03 8.82
CA GLU B 118 1.73 -9.17 8.61
C GLU B 118 2.48 -9.26 9.94
N LYS B 119 1.92 -8.72 11.01
CA LYS B 119 2.48 -8.88 12.35
C LYS B 119 2.42 -10.33 12.80
N TYR B 120 1.28 -10.96 12.59
CA TYR B 120 1.07 -12.34 13.04
C TYR B 120 1.70 -13.37 12.10
N LEU B 121 1.78 -13.04 10.81
CA LEU B 121 2.40 -13.91 9.83
C LEU B 121 3.43 -13.11 9.03
N PRO B 122 4.67 -13.01 9.54
CA PRO B 122 5.65 -12.10 8.94
C PRO B 122 5.99 -12.36 7.48
N ASN B 123 5.84 -13.59 7.00
CA ASN B 123 6.11 -13.87 5.60
C ASN B 123 4.85 -13.98 4.73
N ILE B 124 3.76 -13.38 5.19
CA ILE B 124 2.51 -13.48 4.45
C ILE B 124 2.61 -12.89 3.03
N THR B 125 3.41 -11.85 2.83
CA THR B 125 3.57 -11.28 1.50
C THR B 125 4.28 -12.20 0.51
N SER B 126 4.87 -13.29 1.01
CA SER B 126 5.49 -14.26 0.12
C SER B 126 4.51 -15.29 -0.48
N TYR B 127 3.23 -15.17 -0.11
CA TYR B 127 2.17 -16.00 -0.69
C TYR B 127 1.52 -15.26 -1.85
N PRO B 128 1.51 -15.86 -3.04
CA PRO B 128 0.85 -15.17 -4.16
C PRO B 128 -0.65 -15.03 -3.94
N ASN B 129 -1.23 -15.90 -3.12
CA ASN B 129 -2.67 -15.86 -2.86
C ASN B 129 -3.02 -14.90 -1.74
N TYR B 130 -2.03 -14.19 -1.19
CA TYR B 130 -2.30 -13.10 -0.28
C TYR B 130 -2.59 -11.86 -1.10
N LYS B 131 -3.85 -11.45 -1.12
CA LYS B 131 -4.29 -10.40 -2.04
C LYS B 131 -4.98 -9.25 -1.33
N ALA B 132 -4.76 -9.12 -0.02
CA ALA B 132 -5.54 -8.21 0.78
C ALA B 132 -5.18 -6.75 0.56
N ASN B 133 -4.07 -6.48 -0.14
CA ASN B 133 -3.75 -5.10 -0.50
C ASN B 133 -4.37 -4.66 -1.85
N GLU B 134 -5.02 -5.59 -2.54
CA GLU B 134 -5.57 -5.35 -3.87
C GLU B 134 -7.09 -5.53 -3.93
N PHE B 135 -7.62 -6.40 -3.06
CA PHE B 135 -9.06 -6.76 -3.05
C PHE B 135 -9.70 -6.50 -1.71
N ALA B 136 -10.83 -5.80 -1.71
CA ALA B 136 -11.54 -5.52 -0.47
C ALA B 136 -13.04 -5.75 -0.63
N ARG B 137 -13.73 -5.83 0.51
CA ARG B 137 -15.18 -5.82 0.55
C ARG B 137 -15.55 -5.04 1.80
N LEU B 138 -16.45 -4.07 1.68
CA LEU B 138 -16.83 -3.30 2.86
C LEU B 138 -17.80 -4.06 3.73
N PRO B 139 -17.57 -4.06 5.06
CA PRO B 139 -18.59 -4.54 6.00
C PRO B 139 -19.97 -3.96 5.69
N TYR B 140 -20.96 -4.85 5.71
CA TYR B 140 -22.40 -4.56 5.58
C TYR B 140 -22.87 -4.18 4.20
N THR B 141 -21.97 -4.06 3.24
CA THR B 141 -22.25 -3.23 2.08
C THR B 141 -21.98 -3.94 0.75
N ASN B 142 -23.02 -4.05 -0.06
CA ASN B 142 -22.90 -4.64 -1.39
C ASN B 142 -22.39 -3.59 -2.38
N GLY B 143 -21.18 -3.13 -2.13
CA GLY B 143 -20.52 -2.07 -2.89
C GLY B 143 -19.45 -2.61 -3.83
N TRP B 144 -19.31 -1.96 -4.98
CA TRP B 144 -18.48 -2.47 -6.08
C TRP B 144 -17.64 -1.35 -6.65
N ARG B 145 -16.36 -1.64 -6.81
CA ARG B 145 -15.44 -0.77 -7.53
C ARG B 145 -14.58 -1.69 -8.36
N VAL B 146 -15.01 -1.95 -9.59
CA VAL B 146 -14.34 -2.97 -10.39
C VAL B 146 -13.62 -2.36 -11.58
N THR B 147 -14.32 -1.57 -12.37
CA THR B 147 -13.68 -0.84 -13.45
C THR B 147 -14.23 0.57 -13.47
N LYS B 148 -13.63 1.40 -14.32
CA LYS B 148 -14.10 2.76 -14.55
C LYS B 148 -15.61 2.81 -14.83
N ASP B 149 -16.12 1.76 -15.48
CA ASP B 149 -17.53 1.68 -15.86
C ASP B 149 -18.30 0.58 -15.15
N PHE B 150 -17.75 0.06 -14.07
CA PHE B 150 -18.43 -0.99 -13.29
C PHE B 150 -18.20 -0.66 -11.81
N LYS B 151 -19.14 0.13 -11.30
CA LYS B 151 -19.15 0.64 -9.94
C LYS B 151 -20.57 0.64 -9.46
N ALA B 152 -20.78 0.38 -8.18
CA ALA B 152 -22.13 0.44 -7.62
C ALA B 152 -22.05 0.62 -6.12
N ASP B 153 -23.07 1.25 -5.55
CA ASP B 153 -23.12 1.53 -4.13
C ASP B 153 -24.32 0.85 -3.45
N GLY B 154 -24.14 0.47 -2.20
CA GLY B 154 -25.26 -0.06 -1.42
C GLY B 154 -25.98 1.13 -0.82
N LEU B 155 -27.06 1.59 -1.46
CA LEU B 155 -27.64 2.88 -1.09
C LEU B 155 -28.53 2.81 0.16
N CYS B 156 -28.84 1.60 0.62
CA CYS B 156 -29.56 1.40 1.88
C CYS B 156 -28.82 0.46 2.81
N ALA B 157 -27.50 0.33 2.63
CA ALA B 157 -26.78 -0.73 3.31
C ALA B 157 -26.74 -0.51 4.81
N THR B 158 -26.54 0.73 5.21
CA THR B 158 -26.39 1.05 6.63
C THR B 158 -27.22 2.29 6.94
N SER B 159 -27.53 2.46 8.21
CA SER B 159 -28.55 3.40 8.61
C SER B 159 -28.06 4.39 9.66
N ASP B 160 -28.74 5.52 9.77
CA ASP B 160 -28.43 6.50 10.81
C ASP B 160 -29.31 6.31 12.04
N ASP B 161 -30.28 5.40 11.96
CA ASP B 161 -31.26 5.28 13.05
C ASP B 161 -31.88 3.88 13.21
N LEU B 162 -32.68 3.48 12.23
CA LEU B 162 -33.46 2.25 12.33
C LEU B 162 -32.91 1.12 11.46
N LYS B 163 -33.09 -0.11 11.92
CA LYS B 163 -32.79 -1.29 11.11
C LYS B 163 -33.93 -1.53 10.13
N PRO B 164 -33.61 -2.14 8.98
CA PRO B 164 -34.61 -2.37 7.92
C PRO B 164 -35.90 -3.04 8.39
N TRP B 165 -35.81 -3.91 9.39
CA TRP B 165 -36.98 -4.66 9.85
C TRP B 165 -37.79 -3.93 10.93
N GLU B 166 -37.24 -2.85 11.45
CA GLU B 166 -37.91 -2.11 12.52
C GLU B 166 -39.00 -1.17 12.00
N PRO B 167 -40.08 -1.00 12.79
CA PRO B 167 -41.17 -0.09 12.41
C PRO B 167 -40.68 1.32 12.16
N GLY B 168 -41.16 1.94 11.08
CA GLY B 168 -40.80 3.29 10.74
C GLY B 168 -39.58 3.39 9.85
N TYR B 169 -38.91 2.26 9.61
CA TYR B 169 -37.71 2.29 8.76
C TYR B 169 -38.05 2.80 7.38
N ALA B 170 -37.20 3.69 6.87
CA ALA B 170 -37.34 4.18 5.51
C ALA B 170 -35.95 4.35 4.89
N CYS B 171 -35.84 3.99 3.62
CA CYS B 171 -34.65 4.32 2.85
C CYS B 171 -35.02 5.09 1.60
N ASP B 172 -34.41 6.25 1.43
CA ASP B 172 -34.58 7.06 0.23
C ASP B 172 -33.28 6.98 -0.55
N THR B 173 -33.29 6.25 -1.67
CA THR B 173 -32.06 6.07 -2.44
C THR B 173 -31.59 7.35 -3.09
N ALA B 174 -32.49 8.33 -3.24
CA ALA B 174 -32.14 9.63 -3.78
C ALA B 174 -31.54 10.55 -2.73
N ASN B 175 -31.78 10.22 -1.46
CA ASN B 175 -31.19 10.95 -0.34
C ASN B 175 -30.72 10.00 0.74
N PRO B 176 -29.60 9.31 0.48
CA PRO B 176 -29.19 8.23 1.38
C PRO B 176 -28.67 8.71 2.73
N SER B 177 -28.59 7.77 3.66
CA SER B 177 -28.11 8.03 5.02
C SER B 177 -26.68 8.54 5.05
N ASN B 178 -26.33 9.17 6.17
CA ASN B 178 -24.96 9.63 6.37
C ASN B 178 -24.01 8.44 6.36
N SER B 179 -24.44 7.32 6.94
CA SER B 179 -23.57 6.15 6.98
C SER B 179 -23.32 5.61 5.58
N VAL B 180 -24.36 5.55 4.74
CA VAL B 180 -24.19 5.12 3.35
C VAL B 180 -23.25 6.06 2.60
N LYS B 181 -23.37 7.37 2.81
CA LYS B 181 -22.52 8.31 2.11
C LYS B 181 -21.06 8.18 2.54
N ALA B 182 -20.84 7.93 3.83
CA ALA B 182 -19.49 7.71 4.33
C ALA B 182 -18.89 6.44 3.74
N ALA B 183 -19.69 5.38 3.60
CA ALA B 183 -19.21 4.15 2.98
C ALA B 183 -18.81 4.39 1.52
N ILE B 184 -19.60 5.18 0.80
CA ILE B 184 -19.27 5.52 -0.58
C ILE B 184 -17.92 6.22 -0.63
N ALA B 185 -17.71 7.15 0.30
CA ALA B 185 -16.42 7.84 0.39
C ALA B 185 -15.28 6.86 0.68
N VAL B 186 -15.51 5.90 1.56
CA VAL B 186 -14.51 4.86 1.82
C VAL B 186 -14.19 4.08 0.55
N GLN B 187 -15.21 3.67 -0.19
CA GLN B 187 -14.99 2.98 -1.46
C GLN B 187 -14.13 3.79 -2.40
N ASN B 188 -14.36 5.10 -2.48
CA ASN B 188 -13.61 5.94 -3.39
C ASN B 188 -12.16 6.11 -2.94
N ILE B 189 -11.94 6.18 -1.63
CA ILE B 189 -10.58 6.22 -1.08
C ILE B 189 -9.84 4.95 -1.45
N LEU B 190 -10.47 3.81 -1.20
CA LEU B 190 -9.80 2.56 -1.49
C LEU B 190 -9.51 2.44 -2.99
N ALA B 191 -10.44 2.85 -3.85
CA ALA B 191 -10.23 2.74 -5.29
C ALA B 191 -9.05 3.62 -5.74
N ASN B 192 -8.94 4.83 -5.18
CA ASN B 192 -7.82 5.70 -5.54
C ASN B 192 -6.50 5.15 -5.03
N ASN B 193 -6.55 4.31 -4.00
CA ASN B 193 -5.35 3.64 -3.49
C ASN B 193 -5.16 2.24 -4.08
N GLY B 194 -5.82 1.97 -5.21
CA GLY B 194 -5.58 0.76 -5.98
C GLY B 194 -6.46 -0.45 -5.72
N TYR B 195 -7.37 -0.37 -4.76
CA TYR B 195 -8.23 -1.52 -4.50
C TYR B 195 -9.34 -1.68 -5.53
N GLN B 196 -9.65 -2.93 -5.83
CA GLN B 196 -10.97 -3.28 -6.32
C GLN B 196 -11.80 -3.69 -5.11
N THR B 197 -13.09 -3.35 -5.14
CA THR B 197 -14.02 -3.89 -4.15
C THR B 197 -15.14 -4.62 -4.88
N HIS B 198 -15.62 -5.70 -4.28
CA HIS B 198 -16.67 -6.52 -4.87
C HIS B 198 -17.71 -6.84 -3.84
N GLY B 199 -18.97 -6.78 -4.26
CA GLY B 199 -20.09 -7.20 -3.44
C GLY B 199 -20.44 -8.66 -3.69
N TRP B 200 -21.73 -8.95 -3.71
CA TRP B 200 -22.17 -10.33 -3.90
C TRP B 200 -23.50 -10.40 -4.66
N ASP B 201 -23.77 -11.59 -5.20
CA ASP B 201 -25.01 -11.86 -5.91
C ASP B 201 -26.03 -12.56 -5.02
N VAL B 202 -25.57 -13.47 -4.17
CA VAL B 202 -26.43 -14.31 -3.32
C VAL B 202 -25.73 -14.49 -2.00
N ASP B 203 -26.51 -14.54 -0.93
CA ASP B 203 -26.00 -14.62 0.42
C ASP B 203 -26.52 -15.89 1.06
N TRP B 204 -25.64 -16.85 1.32
CA TRP B 204 -26.03 -18.12 1.94
C TRP B 204 -26.18 -17.90 3.43
N ALA B 205 -27.43 -17.85 3.89
CA ALA B 205 -27.75 -17.39 5.22
C ALA B 205 -28.91 -18.19 5.81
N PRO B 206 -29.16 -18.05 7.12
CA PRO B 206 -30.35 -18.67 7.70
C PRO B 206 -31.62 -18.29 6.96
N GLU B 207 -32.53 -19.25 6.77
CA GLU B 207 -33.82 -18.98 6.17
C GLU B 207 -34.73 -18.31 7.20
N ASN B 208 -34.34 -18.40 8.47
CA ASN B 208 -35.10 -17.79 9.55
C ASN B 208 -34.21 -17.42 10.74
N TRP B 209 -33.91 -16.13 10.89
CA TRP B 209 -33.05 -15.66 11.96
C TRP B 209 -33.75 -15.61 13.31
N GLY B 210 -35.07 -15.84 13.31
CA GLY B 210 -35.86 -15.70 14.51
C GLY B 210 -35.79 -16.86 15.50
N ILE B 211 -35.62 -18.07 14.99
CA ILE B 211 -35.59 -19.27 15.84
C ILE B 211 -34.41 -19.29 16.80
N ALA B 212 -34.42 -20.28 17.70
CA ALA B 212 -33.42 -20.37 18.76
C ALA B 212 -32.03 -20.69 18.22
N MET B 213 -31.98 -21.58 17.25
CA MET B 213 -30.72 -21.98 16.62
C MET B 213 -30.74 -21.63 15.14
N PRO B 214 -30.65 -20.33 14.81
CA PRO B 214 -30.84 -19.84 13.45
C PRO B 214 -29.92 -20.47 12.40
N ALA B 215 -28.68 -20.81 12.77
CA ALA B 215 -27.77 -21.41 11.80
C ALA B 215 -28.34 -22.70 11.22
N ASN B 216 -29.15 -23.42 12.00
CA ASN B 216 -29.74 -24.68 11.55
C ASN B 216 -30.57 -24.50 10.28
N SER B 217 -31.13 -23.30 10.11
CA SER B 217 -32.02 -23.04 8.98
C SER B 217 -31.29 -22.55 7.72
N LEU B 218 -29.95 -22.68 7.70
CA LEU B 218 -29.20 -22.38 6.49
C LEU B 218 -29.80 -23.15 5.33
N THR B 219 -30.03 -22.46 4.22
CA THR B 219 -30.65 -23.07 3.04
C THR B 219 -29.98 -24.40 2.67
N GLU B 220 -30.80 -25.42 2.43
CA GLU B 220 -30.25 -26.70 1.98
C GLU B 220 -29.55 -26.54 0.64
N ALA B 221 -28.65 -27.47 0.35
CA ALA B 221 -27.79 -27.37 -0.84
C ALA B 221 -28.61 -27.30 -2.12
N GLU B 222 -29.67 -28.09 -2.18
CA GLU B 222 -30.45 -28.20 -3.39
C GLU B 222 -31.19 -26.88 -3.71
N PRO B 223 -31.98 -26.34 -2.75
CA PRO B 223 -32.58 -25.03 -3.05
C PRO B 223 -31.56 -23.88 -3.16
N PHE B 224 -30.42 -23.99 -2.49
CA PHE B 224 -29.44 -22.92 -2.61
C PHE B 224 -28.86 -22.89 -4.03
N LEU B 225 -28.61 -24.05 -4.62
CA LEU B 225 -28.19 -24.08 -6.02
C LEU B 225 -29.27 -23.46 -6.89
N GLY B 226 -30.54 -23.67 -6.52
CA GLY B 226 -31.64 -22.97 -7.16
C GLY B 226 -31.47 -21.45 -7.13
N TYR B 227 -31.11 -20.91 -5.98
CA TYR B 227 -30.87 -19.45 -5.88
C TYR B 227 -29.72 -19.01 -6.79
N VAL B 228 -28.66 -19.81 -6.83
CA VAL B 228 -27.52 -19.52 -7.71
C VAL B 228 -27.96 -19.53 -9.17
N ASP B 229 -28.73 -20.55 -9.57
CA ASP B 229 -29.26 -20.61 -10.94
C ASP B 229 -30.03 -19.34 -11.27
N SER B 230 -30.84 -18.89 -10.32
CA SER B 230 -31.70 -17.73 -10.52
C SER B 230 -30.88 -16.45 -10.66
N ALA B 231 -29.70 -16.42 -10.04
CA ALA B 231 -28.87 -15.21 -10.06
C ALA B 231 -28.03 -15.10 -11.32
N LEU B 232 -27.80 -16.21 -11.99
CA LEU B 232 -26.96 -16.25 -13.17
C LEU B 232 -27.53 -15.34 -14.26
N ASN B 233 -26.77 -14.30 -14.59
CA ASN B 233 -27.15 -13.33 -15.61
C ASN B 233 -28.49 -12.62 -15.39
N THR B 234 -28.84 -12.31 -14.13
CA THR B 234 -30.10 -11.63 -13.85
C THR B 234 -29.96 -10.41 -12.93
N CYS B 235 -28.78 -9.81 -12.91
CA CYS B 235 -28.52 -8.58 -12.16
C CYS B 235 -28.98 -8.70 -10.71
N ALA B 236 -28.56 -9.78 -10.05
CA ALA B 236 -28.99 -10.10 -8.69
C ALA B 236 -28.76 -8.97 -7.66
N PRO B 237 -27.68 -8.18 -7.80
CA PRO B 237 -27.52 -7.16 -6.75
C PRO B 237 -28.64 -6.11 -6.74
N THR B 238 -29.42 -6.01 -7.81
CA THR B 238 -30.56 -5.08 -7.81
C THR B 238 -31.83 -5.72 -7.26
N THR B 239 -31.93 -7.04 -7.27
CA THR B 239 -33.17 -7.72 -6.92
C THR B 239 -33.10 -8.44 -5.58
N ILE B 240 -31.89 -8.56 -5.04
CA ILE B 240 -31.66 -9.28 -3.79
C ILE B 240 -32.43 -8.63 -2.62
N ASN B 241 -32.93 -9.47 -1.73
CA ASN B 241 -33.47 -9.09 -0.43
C ASN B 241 -32.48 -9.51 0.63
N PRO B 242 -32.38 -8.76 1.74
CA PRO B 242 -33.14 -7.57 2.13
C PRO B 242 -32.64 -6.30 1.48
N ILE B 243 -33.33 -5.20 1.75
CA ILE B 243 -33.06 -3.93 1.08
C ILE B 243 -31.62 -3.47 1.31
N ASN B 244 -31.07 -3.77 2.49
CA ASN B 244 -29.72 -3.32 2.83
C ASN B 244 -28.63 -4.11 2.12
N SER B 245 -29.00 -5.16 1.38
CA SER B 245 -28.04 -5.94 0.60
C SER B 245 -28.05 -5.54 -0.88
N LYS B 246 -28.88 -4.57 -1.25
CA LYS B 246 -28.97 -4.16 -2.66
C LYS B 246 -27.85 -3.23 -3.08
N ALA B 247 -27.50 -3.32 -4.36
CA ALA B 247 -26.70 -2.31 -5.05
C ALA B 247 -27.56 -1.78 -6.18
N GLN B 248 -28.33 -0.73 -5.89
CA GLN B 248 -29.44 -0.36 -6.75
C GLN B 248 -29.01 0.10 -8.14
N GLU B 249 -27.84 0.73 -8.25
CA GLU B 249 -27.37 1.19 -9.55
C GLU B 249 -26.37 0.24 -10.20
N PHE B 250 -26.38 -1.02 -9.79
CA PHE B 250 -25.52 -2.02 -10.38
C PHE B 250 -25.71 -2.04 -11.90
N PRO B 251 -24.61 -2.01 -12.66
CA PRO B 251 -24.73 -1.96 -14.12
C PRO B 251 -25.12 -3.32 -14.70
N CYS B 252 -26.42 -3.60 -14.74
CA CYS B 252 -26.91 -4.88 -15.24
C CYS B 252 -26.31 -5.19 -16.60
N GLY B 253 -25.85 -6.43 -16.76
CA GLY B 253 -25.28 -6.86 -18.03
C GLY B 253 -23.84 -6.45 -18.29
N THR B 254 -23.20 -5.78 -17.32
CA THR B 254 -21.80 -5.37 -17.49
C THR B 254 -20.96 -6.61 -17.82
N PRO B 255 -20.02 -6.49 -18.76
CA PRO B 255 -19.41 -7.70 -19.32
C PRO B 255 -18.69 -8.58 -18.29
N LEU B 256 -18.00 -7.99 -17.32
CA LEU B 256 -17.26 -8.80 -16.37
C LEU B 256 -18.16 -9.61 -15.43
N HIS B 257 -19.43 -9.24 -15.35
CA HIS B 257 -20.35 -9.93 -14.43
C HIS B 257 -21.08 -11.09 -15.12
N ALA B 258 -20.99 -11.18 -16.44
CA ALA B 258 -21.71 -12.22 -17.16
C ALA B 258 -21.26 -13.63 -16.77
N ASP B 259 -22.23 -14.52 -16.66
CA ASP B 259 -21.98 -15.95 -16.44
C ASP B 259 -21.27 -16.23 -15.11
N LYS B 260 -21.45 -15.33 -14.14
CA LYS B 260 -20.78 -15.42 -12.84
C LYS B 260 -21.74 -15.17 -11.70
N VAL B 261 -21.56 -15.89 -10.60
CA VAL B 261 -22.33 -15.67 -9.39
C VAL B 261 -21.37 -15.64 -8.21
N ILE B 262 -21.35 -14.52 -7.51
CA ILE B 262 -20.58 -14.42 -6.28
C ILE B 262 -21.48 -14.78 -5.10
N VAL B 263 -21.09 -15.82 -4.38
CA VAL B 263 -21.80 -16.26 -3.18
C VAL B 263 -21.10 -15.68 -1.97
N LEU B 264 -21.86 -14.98 -1.13
CA LEU B 264 -21.40 -14.57 0.18
C LEU B 264 -21.89 -15.56 1.23
N THR B 265 -21.02 -15.97 2.15
CA THR B 265 -21.47 -16.59 3.39
C THR B 265 -20.40 -16.34 4.46
N HIS B 266 -20.59 -16.94 5.63
CA HIS B 266 -19.75 -16.68 6.79
C HIS B 266 -19.39 -18.01 7.44
N GLU B 267 -18.12 -18.25 7.74
CA GLU B 267 -17.78 -19.53 8.36
C GLU B 267 -18.41 -19.66 9.75
N PHE B 268 -18.80 -18.57 10.39
CA PHE B 268 -19.44 -18.72 11.71
C PHE B 268 -20.80 -19.41 11.61
N LEU B 269 -21.33 -19.54 10.38
CA LEU B 269 -22.57 -20.28 10.17
C LEU B 269 -22.33 -21.78 10.06
N PHE B 270 -21.07 -22.20 10.13
CA PHE B 270 -20.68 -23.61 9.94
C PHE B 270 -20.02 -24.13 11.20
N GLU B 271 -20.48 -23.61 12.34
CA GLU B 271 -19.92 -23.92 13.65
C GLU B 271 -20.98 -24.43 14.61
N ASP B 272 -20.68 -25.48 15.36
CA ASP B 272 -21.55 -25.91 16.45
C ASP B 272 -21.30 -24.98 17.64
N GLY B 273 -22.30 -24.19 18.01
CA GLY B 273 -22.11 -23.22 19.06
C GLY B 273 -23.33 -22.35 19.31
N LYS B 274 -23.08 -21.08 19.63
CA LYS B 274 -24.13 -20.16 20.05
C LYS B 274 -25.18 -19.89 18.97
N ARG B 275 -24.86 -20.12 17.71
CA ARG B 275 -25.80 -19.83 16.63
C ARG B 275 -26.59 -21.08 16.20
N GLY B 276 -26.23 -22.22 16.78
CA GLY B 276 -26.88 -23.47 16.44
C GLY B 276 -25.86 -24.55 16.10
N MET B 277 -26.33 -25.63 15.49
CA MET B 277 -25.46 -26.74 15.13
C MET B 277 -24.92 -26.58 13.71
N GLY B 278 -24.21 -25.48 13.48
CA GLY B 278 -23.72 -25.15 12.16
C GLY B 278 -22.75 -26.15 11.55
N ALA B 279 -21.88 -26.76 12.37
CA ALA B 279 -20.92 -27.72 11.82
C ALA B 279 -21.64 -29.00 11.44
N THR B 280 -22.40 -29.55 12.39
CA THR B 280 -23.11 -30.80 12.18
C THR B 280 -24.11 -30.70 11.04
N GLN B 281 -24.83 -29.60 10.96
CA GLN B 281 -25.87 -29.50 9.95
C GLN B 281 -25.43 -28.84 8.64
N ASN B 282 -24.51 -27.88 8.70
CA ASN B 282 -24.23 -27.08 7.51
C ASN B 282 -22.95 -27.44 6.75
N LEU B 283 -21.94 -28.03 7.40
CA LEU B 283 -20.79 -28.46 6.63
C LEU B 283 -21.20 -29.50 5.55
N PRO B 284 -22.10 -30.46 5.87
CA PRO B 284 -22.56 -31.31 4.76
C PRO B 284 -23.31 -30.55 3.66
N LYS B 285 -24.01 -29.47 4.00
CA LYS B 285 -24.68 -28.68 2.98
C LYS B 285 -23.66 -28.05 2.02
N LEU B 286 -22.57 -27.56 2.60
CA LEU B 286 -21.49 -26.99 1.79
C LEU B 286 -20.90 -28.05 0.86
N THR B 287 -20.60 -29.23 1.40
CA THR B 287 -20.08 -30.31 0.58
C THR B 287 -21.03 -30.65 -0.55
N LYS B 288 -22.29 -30.87 -0.20
CA LYS B 288 -23.26 -31.31 -1.21
C LYS B 288 -23.49 -30.23 -2.25
N PHE B 289 -23.51 -28.98 -1.82
CA PHE B 289 -23.68 -27.88 -2.77
C PHE B 289 -22.56 -27.83 -3.81
N ILE B 290 -21.32 -27.97 -3.36
CA ILE B 290 -20.19 -27.97 -4.29
C ILE B 290 -20.33 -29.10 -5.30
N GLN B 291 -20.70 -30.28 -4.81
CA GLN B 291 -20.84 -31.45 -5.68
C GLN B 291 -21.97 -31.26 -6.69
N LEU B 292 -23.12 -30.81 -6.19
CA LEU B 292 -24.28 -30.59 -7.05
C LEU B 292 -24.00 -29.51 -8.08
N ALA B 293 -23.32 -28.44 -7.67
CA ALA B 293 -22.99 -27.34 -8.58
C ALA B 293 -22.08 -27.83 -9.70
N LYS B 294 -21.06 -28.61 -9.35
CA LYS B 294 -20.18 -29.19 -10.36
C LYS B 294 -20.94 -30.10 -11.32
N GLN B 295 -21.83 -30.91 -10.77
CA GLN B 295 -22.59 -31.87 -11.58
C GLN B 295 -23.52 -31.14 -12.53
N ALA B 296 -23.95 -29.95 -12.12
CA ALA B 296 -24.82 -29.11 -12.93
C ALA B 296 -24.06 -28.33 -14.00
N GLY B 297 -22.73 -28.35 -13.93
CA GLY B 297 -21.93 -27.70 -14.96
C GLY B 297 -21.21 -26.44 -14.54
N TYR B 298 -21.35 -26.05 -13.27
CA TYR B 298 -20.62 -24.88 -12.76
C TYR B 298 -19.17 -25.22 -12.46
N VAL B 299 -18.30 -24.23 -12.55
CA VAL B 299 -16.97 -24.37 -11.99
C VAL B 299 -16.79 -23.31 -10.90
N PHE B 300 -15.85 -23.57 -10.00
CA PHE B 300 -15.56 -22.68 -8.90
C PHE B 300 -14.26 -21.91 -9.11
N ASP B 301 -14.25 -20.62 -8.83
CA ASP B 301 -13.03 -19.84 -8.96
C ASP B 301 -12.91 -18.83 -7.82
N THR B 302 -11.79 -18.12 -7.79
CA THR B 302 -11.50 -17.17 -6.73
C THR B 302 -11.49 -15.72 -7.27
N MET B 303 -11.60 -14.78 -6.35
CA MET B 303 -11.87 -13.39 -6.73
C MET B 303 -10.69 -12.72 -7.43
N ASP B 304 -9.49 -13.25 -7.23
CA ASP B 304 -8.33 -12.73 -7.97
C ASP B 304 -8.48 -12.94 -9.48
N ASN B 305 -9.40 -13.81 -9.89
CA ASN B 305 -9.62 -14.11 -11.30
C ASN B 305 -10.95 -13.58 -11.82
N TYR B 306 -11.73 -12.93 -10.97
CA TYR B 306 -13.02 -12.38 -11.39
C TYR B 306 -12.86 -11.45 -12.60
N THR B 307 -11.88 -10.53 -12.51
CA THR B 307 -11.32 -9.91 -13.70
C THR B 307 -10.13 -10.76 -14.11
N PRO B 308 -10.14 -11.30 -15.34
CA PRO B 308 -9.06 -12.26 -15.65
C PRO B 308 -7.70 -11.59 -15.75
N ASN B 309 -6.70 -12.31 -15.30
CA ASN B 309 -5.35 -11.80 -15.34
C ASN B 309 -4.83 -11.85 -16.77
N TRP B 310 -4.17 -10.78 -17.20
CA TRP B 310 -3.56 -10.75 -18.51
C TRP B 310 -2.63 -11.96 -18.69
N GLN B 311 -2.72 -12.61 -19.83
CA GLN B 311 -1.95 -13.84 -20.06
C GLN B 311 -1.41 -13.92 -21.47
N VAL B 312 -0.11 -14.14 -21.57
CA VAL B 312 0.54 -14.33 -22.87
C VAL B 312 -0.10 -15.49 -23.61
N GLY B 313 -0.43 -15.28 -24.87
CA GLY B 313 -1.00 -16.30 -25.71
C GLY B 313 -2.51 -16.27 -25.76
N ASN B 314 -3.13 -15.50 -24.87
CA ASN B 314 -4.57 -15.38 -24.89
C ASN B 314 -4.99 -14.42 -25.99
N ASN B 315 -6.13 -14.72 -26.60
CA ASN B 315 -6.75 -13.83 -27.55
C ASN B 315 -7.66 -12.86 -26.80
N TYR B 316 -7.51 -11.58 -27.10
CA TYR B 316 -8.35 -10.55 -26.51
C TYR B 316 -9.12 -9.84 -27.61
N SER B 317 -10.38 -9.55 -27.32
CA SER B 317 -11.19 -8.75 -28.20
C SER B 317 -11.21 -7.32 -27.68
N ALA B 318 -11.29 -6.35 -28.58
CA ALA B 318 -11.48 -4.97 -28.19
C ALA B 318 -12.61 -4.88 -27.15
N GLY B 319 -12.36 -4.15 -26.08
CA GLY B 319 -13.33 -4.02 -25.01
C GLY B 319 -13.13 -4.97 -23.83
N ASP B 320 -12.34 -6.02 -24.01
CA ASP B 320 -12.08 -6.98 -22.93
C ASP B 320 -11.31 -6.32 -21.78
N TYR B 321 -11.64 -6.71 -20.56
CA TYR B 321 -10.91 -6.25 -19.37
C TYR B 321 -9.97 -7.31 -18.84
N VAL B 322 -8.78 -6.87 -18.42
CA VAL B 322 -7.83 -7.74 -17.72
C VAL B 322 -7.27 -7.03 -16.51
N LEU B 323 -6.64 -7.80 -15.63
CA LEU B 323 -5.79 -7.27 -14.56
C LEU B 323 -4.35 -7.47 -14.94
N HIS B 324 -3.53 -6.48 -14.63
CA HIS B 324 -2.09 -6.59 -14.81
C HIS B 324 -1.44 -5.84 -13.65
N LEU B 325 -0.71 -6.57 -12.80
CA LEU B 325 -0.10 -5.99 -11.61
C LEU B 325 -1.08 -5.13 -10.82
N GLY B 326 -2.27 -5.67 -10.60
CA GLY B 326 -3.25 -5.02 -9.75
C GLY B 326 -4.06 -3.93 -10.42
N THR B 327 -3.78 -3.65 -11.69
CA THR B 327 -4.43 -2.56 -12.39
C THR B 327 -5.35 -3.12 -13.47
N VAL B 328 -6.56 -2.58 -13.58
CA VAL B 328 -7.47 -2.97 -14.64
C VAL B 328 -7.12 -2.27 -15.94
N TYR B 329 -7.08 -3.03 -17.02
CA TYR B 329 -6.93 -2.46 -18.36
C TYR B 329 -8.02 -2.97 -19.29
N GLN B 330 -8.32 -2.17 -20.31
CA GLN B 330 -9.31 -2.51 -21.32
C GLN B 330 -8.66 -2.54 -22.70
N ALA B 331 -8.91 -3.60 -23.47
CA ALA B 331 -8.27 -3.75 -24.76
C ALA B 331 -8.80 -2.74 -25.78
N VAL B 332 -7.88 -2.10 -26.48
CA VAL B 332 -8.21 -1.14 -27.52
C VAL B 332 -8.45 -1.82 -28.86
N THR B 333 -7.60 -2.81 -29.16
CA THR B 333 -7.63 -3.51 -30.42
C THR B 333 -7.56 -5.01 -30.16
N SER B 334 -8.36 -5.77 -30.90
CA SER B 334 -8.32 -7.22 -30.77
C SER B 334 -6.95 -7.75 -31.18
N HIS B 335 -6.39 -8.68 -30.41
CA HIS B 335 -5.05 -9.19 -30.69
C HIS B 335 -4.78 -10.40 -29.83
N THR B 336 -3.71 -11.13 -30.16
CA THR B 336 -3.21 -12.19 -29.30
C THR B 336 -2.09 -11.60 -28.45
N ALA B 337 -2.19 -11.72 -27.13
CA ALA B 337 -1.16 -11.16 -26.25
C ALA B 337 0.17 -11.86 -26.41
N GLN B 338 1.23 -11.07 -26.48
CA GLN B 338 2.59 -11.60 -26.57
C GLN B 338 3.43 -11.00 -25.45
N GLN B 339 4.53 -11.64 -25.10
CA GLN B 339 5.17 -11.32 -23.83
C GLN B 339 5.67 -9.88 -23.74
N ASP B 340 6.04 -9.26 -24.85
CA ASP B 340 6.54 -7.90 -24.84
C ASP B 340 5.42 -6.84 -24.82
N TRP B 341 4.18 -7.28 -25.03
CA TRP B 341 3.06 -6.36 -25.19
C TRP B 341 2.15 -6.32 -23.96
N ALA B 342 2.74 -6.29 -22.78
CA ALA B 342 1.95 -6.15 -21.58
C ALA B 342 1.22 -4.81 -21.56
N PRO B 343 0.05 -4.77 -20.93
CA PRO B 343 -0.60 -3.46 -20.70
C PRO B 343 0.32 -2.57 -19.88
N SER B 344 0.21 -1.25 -20.07
CA SER B 344 1.08 -0.31 -19.35
C SER B 344 0.50 1.08 -19.52
N PRO B 345 1.07 2.06 -18.80
CA PRO B 345 0.69 3.48 -19.01
C PRO B 345 0.99 4.03 -20.40
N THR B 346 1.72 3.31 -21.26
CA THR B 346 2.01 3.82 -22.59
C THR B 346 1.54 2.90 -23.71
N SER B 347 0.95 1.75 -23.37
CA SER B 347 0.53 0.80 -24.40
C SER B 347 -0.56 1.35 -25.30
N SER B 348 -0.41 1.16 -26.60
CA SER B 348 -1.47 1.51 -27.54
C SER B 348 -2.57 0.44 -27.59
N LEU B 349 -2.30 -0.75 -27.06
CA LEU B 349 -3.24 -1.86 -27.13
C LEU B 349 -4.22 -1.93 -25.97
N TRP B 350 -3.93 -1.18 -24.92
CA TRP B 350 -4.70 -1.20 -23.67
C TRP B 350 -4.84 0.20 -23.13
N THR B 351 -5.97 0.49 -22.47
CA THR B 351 -6.06 1.68 -21.64
C THR B 351 -6.33 1.27 -20.20
N ASN B 352 -5.86 2.08 -19.27
CA ASN B 352 -6.15 1.90 -17.85
C ASN B 352 -7.64 2.12 -17.60
N ALA B 353 -8.30 1.14 -16.97
CA ALA B 353 -9.72 1.26 -16.65
C ALA B 353 -9.96 0.95 -15.17
N ASP B 354 -9.00 1.29 -14.32
CA ASP B 354 -9.21 1.20 -12.87
C ASP B 354 -10.41 2.04 -12.46
N PRO B 355 -11.08 1.65 -11.36
CA PRO B 355 -12.26 2.39 -10.89
C PRO B 355 -11.91 3.65 -10.09
N ALA B 356 -10.69 4.14 -10.24
CA ALA B 356 -10.21 5.33 -9.52
C ALA B 356 -10.75 6.60 -10.15
N THR B 357 -10.75 7.69 -9.38
CA THR B 357 -11.24 8.96 -9.85
C THR B 357 -10.15 10.06 -9.90
N ASN B 358 -8.95 9.78 -9.37
CA ASN B 358 -7.81 10.65 -9.61
C ASN B 358 -7.42 10.59 -11.07
N TRP B 359 -7.01 11.71 -11.64
CA TRP B 359 -6.50 11.69 -13.02
C TRP B 359 -5.37 10.68 -13.12
N THR B 360 -5.39 9.91 -14.20
CA THR B 360 -4.45 8.82 -14.41
C THR B 360 -4.08 8.80 -15.87
N GLN B 361 -2.82 8.49 -16.17
CA GLN B 361 -2.33 8.35 -17.53
C GLN B 361 -2.94 7.15 -18.26
N ASN B 362 -3.15 7.30 -19.56
CA ASN B 362 -3.64 6.24 -20.47
C ASN B 362 -5.04 5.75 -20.11
N VAL B 363 -5.91 6.66 -19.67
CA VAL B 363 -7.31 6.37 -19.41
C VAL B 363 -8.16 6.92 -20.55
N SER B 364 -9.13 6.14 -21.00
CA SER B 364 -10.05 6.63 -22.03
C SER B 364 -11.16 7.45 -21.35
N TYR B 365 -11.00 8.77 -21.32
CA TYR B 365 -11.95 9.65 -20.67
C TYR B 365 -13.10 10.07 -21.59
N LYS B 366 -14.26 10.26 -21.00
CA LYS B 366 -15.45 10.65 -21.73
C LYS B 366 -15.93 12.00 -21.24
N GLN B 367 -16.69 12.70 -22.10
CA GLN B 367 -17.29 13.97 -21.70
C GLN B 367 -18.07 13.80 -20.43
N GLY B 368 -17.87 14.71 -19.48
CA GLY B 368 -18.60 14.68 -18.23
C GLY B 368 -17.85 13.97 -17.11
N ASP B 369 -16.78 13.24 -17.44
CA ASP B 369 -15.96 12.61 -16.38
C ASP B 369 -15.35 13.67 -15.49
N VAL B 370 -15.31 13.42 -14.20
CA VAL B 370 -14.62 14.30 -13.26
C VAL B 370 -13.36 13.62 -12.76
N VAL B 371 -12.25 14.34 -12.82
CA VAL B 371 -10.99 13.83 -12.30
C VAL B 371 -10.46 14.78 -11.23
N THR B 372 -9.63 14.26 -10.34
CA THR B 372 -8.93 15.08 -9.37
C THR B 372 -7.43 15.02 -9.65
N TYR B 373 -6.78 16.19 -9.62
CA TYR B 373 -5.37 16.28 -9.94
C TYR B 373 -4.79 17.43 -9.16
N GLN B 374 -3.74 17.15 -8.39
CA GLN B 374 -3.07 18.15 -7.57
C GLN B 374 -4.07 18.86 -6.66
N GLY B 375 -5.00 18.09 -6.11
CA GLY B 375 -5.98 18.60 -5.16
C GLY B 375 -7.18 19.32 -5.74
N LEU B 376 -7.23 19.42 -7.08
CA LEU B 376 -8.27 20.18 -7.76
C LEU B 376 -9.11 19.29 -8.65
N ARG B 377 -10.40 19.60 -8.74
CA ARG B 377 -11.31 18.82 -9.57
C ARG B 377 -11.46 19.44 -10.96
N TYR B 378 -11.50 18.58 -11.97
CA TYR B 378 -11.65 19.01 -13.36
C TYR B 378 -12.72 18.18 -14.05
N LEU B 379 -13.46 18.82 -14.95
CA LEU B 379 -14.42 18.17 -15.81
C LEU B 379 -13.79 17.93 -17.18
N VAL B 380 -13.96 16.72 -17.71
CA VAL B 380 -13.54 16.40 -19.06
C VAL B 380 -14.54 16.96 -20.06
N ASN B 381 -14.08 17.87 -20.92
CA ASN B 381 -14.94 18.44 -21.95
C ASN B 381 -14.83 17.71 -23.30
N VAL B 382 -13.66 17.11 -23.52
CA VAL B 382 -13.31 16.49 -24.80
C VAL B 382 -12.93 15.04 -24.52
N PRO B 383 -13.61 14.09 -25.15
CA PRO B 383 -13.21 12.69 -24.92
C PRO B 383 -11.82 12.45 -25.49
N HIS B 384 -10.99 11.71 -24.76
CA HIS B 384 -9.62 11.51 -25.18
C HIS B 384 -8.99 10.44 -24.30
N VAL B 385 -7.89 9.88 -24.77
CA VAL B 385 -7.05 9.02 -23.95
C VAL B 385 -5.98 9.87 -23.33
N SER B 386 -5.92 9.90 -22.01
CA SER B 386 -4.98 10.77 -21.31
C SER B 386 -3.54 10.37 -21.58
N GLN B 387 -2.66 11.36 -21.60
CA GLN B 387 -1.23 11.09 -21.68
C GLN B 387 -0.52 12.07 -20.80
N ALA B 388 0.76 11.80 -20.56
CA ALA B 388 1.53 12.54 -19.56
C ALA B 388 1.55 14.05 -19.82
N ASP B 389 1.64 14.45 -21.08
CA ASP B 389 1.72 15.89 -21.36
C ASP B 389 0.34 16.54 -21.53
N TRP B 390 -0.71 15.77 -21.32
CA TRP B 390 -2.07 16.31 -21.36
C TRP B 390 -2.71 16.29 -19.97
N SER B 391 -1.91 16.37 -18.91
CA SER B 391 -2.46 16.38 -17.56
C SER B 391 -3.27 17.66 -17.34
N PRO B 392 -4.26 17.60 -16.44
CA PRO B 392 -5.14 18.77 -16.26
C PRO B 392 -4.37 20.01 -15.80
N SER B 393 -4.80 21.15 -16.34
CA SER B 393 -4.22 22.44 -15.97
C SER B 393 -5.23 23.47 -16.43
N SER B 394 -5.05 24.71 -15.98
CA SER B 394 -5.93 25.81 -16.37
C SER B 394 -5.89 26.08 -17.88
N GLN B 395 -4.80 25.69 -18.54
CA GLN B 395 -4.62 25.98 -19.96
C GLN B 395 -4.97 24.81 -20.87
N ASN B 396 -5.35 23.69 -20.27
CA ASN B 396 -5.61 22.47 -21.03
C ASN B 396 -7.01 22.49 -21.64
N THR B 397 -7.10 22.48 -22.97
CA THR B 397 -8.38 22.58 -23.67
C THR B 397 -9.25 21.33 -23.55
N LEU B 398 -8.75 20.27 -22.92
CA LEU B 398 -9.55 19.06 -22.76
C LEU B 398 -10.43 19.09 -21.51
N PHE B 399 -10.11 19.99 -20.59
CA PHE B 399 -10.73 20.05 -19.27
C PHE B 399 -11.22 21.45 -18.93
N THR B 400 -12.12 21.53 -17.97
CA THR B 400 -12.42 22.79 -17.26
C THR B 400 -12.26 22.58 -15.76
N ALA B 401 -11.52 23.45 -15.11
CA ALA B 401 -11.39 23.37 -13.66
C ALA B 401 -12.72 23.70 -12.99
N LEU B 402 -13.12 22.89 -12.01
CA LEU B 402 -14.41 23.08 -11.33
C LEU B 402 -14.26 23.99 -10.12
#